data_7WIK
#
_entry.id   7WIK
#
_cell.length_a   60.250
_cell.length_b   97.260
_cell.length_c   146.730
_cell.angle_alpha   90.000
_cell.angle_beta   90.000
_cell.angle_gamma   90.000
#
_symmetry.space_group_name_H-M   'P 21 21 21'
#
loop_
_entity.id
_entity.type
_entity.pdbx_description
1 polymer Oligoribonuclease
2 non-polymer 'POTASSIUM ION'
3 non-polymer 'ACETATE ION'
4 non-polymer 'SULFATE ION'
5 non-polymer GLYCEROL
6 non-polymer 'MAGNESIUM ION'
7 non-polymer DI(HYDROXYETHYL)ETHER
8 water water
#
_entity_poly.entity_id   1
_entity_poly.type   'polypeptide(L)'
_entity_poly.pdbx_seq_one_letter_code
;SVRDELVWIDCEMTGLDLKSDRLIEIAVLVTDADLNILGDGLDVVIHADDESLSSMVDVVKQMHARSGLTEEVRRSTVDL
ATAEEMVLDYIRGHVKQAKTAPLAGNSIATDRGFIARDMPKLDDYLHYRMIDVSSIKELCRRWYPRIYFGQPEKGLAHRA
LADIHESIRELKYYRATAFVPQPGPSTSDIAAIAAELGPPSSNSADTDSA
;
_entity_poly.pdbx_strand_id   A,B,C,D
#
loop_
_chem_comp.id
_chem_comp.type
_chem_comp.name
_chem_comp.formula
ACT non-polymer 'ACETATE ION' 'C2 H3 O2 -1'
GOL non-polymer GLYCEROL 'C3 H8 O3'
K non-polymer 'POTASSIUM ION' 'K 1'
MG non-polymer 'MAGNESIUM ION' 'Mg 2'
PEG non-polymer DI(HYDROXYETHYL)ETHER 'C4 H10 O3'
SO4 non-polymer 'SULFATE ION' 'O4 S -2'
#
# COMPACT_ATOMS: atom_id res chain seq x y z
N VAL A 2 24.58 -6.59 10.88
CA VAL A 2 23.21 -6.31 10.36
C VAL A 2 22.68 -5.04 11.04
N ARG A 3 22.27 -4.02 10.25
CA ARG A 3 21.58 -2.79 10.73
C ARG A 3 22.44 -2.10 11.79
N ASP A 4 23.75 -1.95 11.53
CA ASP A 4 24.72 -1.39 12.51
C ASP A 4 25.07 0.06 12.15
N GLU A 5 24.14 0.82 11.51
CA GLU A 5 24.35 2.27 11.27
C GLU A 5 23.10 3.08 11.61
N LEU A 6 23.33 4.16 12.33
CA LEU A 6 22.36 5.27 12.53
C LEU A 6 22.97 6.49 11.84
N VAL A 7 22.16 7.16 11.04
CA VAL A 7 22.58 8.41 10.35
C VAL A 7 22.03 9.58 11.16
N TRP A 8 22.93 10.39 11.72
CA TRP A 8 22.58 11.57 12.53
C TRP A 8 22.70 12.79 11.62
N ILE A 9 21.60 13.54 11.45
CA ILE A 9 21.60 14.80 10.66
C ILE A 9 20.99 15.90 11.51
N ASP A 10 21.59 17.09 11.43
CA ASP A 10 20.98 18.34 11.94
C ASP A 10 21.09 19.39 10.84
N CYS A 11 20.02 20.16 10.66
CA CYS A 11 19.93 21.26 9.67
C CYS A 11 19.75 22.59 10.39
N GLU A 12 20.13 23.68 9.72
CA GLU A 12 19.70 25.05 10.06
C GLU A 12 18.96 25.60 8.84
N MET A 13 17.97 26.45 9.10
CA MET A 13 17.06 27.02 8.11
C MET A 13 16.88 28.52 8.40
N THR A 14 16.36 29.27 7.42
CA THR A 14 15.96 30.69 7.61
C THR A 14 14.71 30.74 8.51
N GLY A 15 14.01 29.62 8.65
CA GLY A 15 12.79 29.48 9.46
C GLY A 15 12.21 28.10 9.23
N LEU A 16 11.04 27.79 9.80
CA LEU A 16 10.49 26.41 9.79
C LEU A 16 9.33 26.28 8.81
N ASP A 17 9.08 27.30 7.95
CA ASP A 17 7.94 27.28 7.00
C ASP A 17 8.36 26.62 5.69
N LEU A 18 7.87 25.41 5.41
CA LEU A 18 8.26 24.64 4.21
C LEU A 18 7.78 25.34 2.93
N LYS A 19 6.84 26.29 3.01
CA LYS A 19 6.36 27.02 1.81
C LYS A 19 7.38 28.08 1.37
N SER A 20 8.30 28.54 2.21
CA SER A 20 9.17 29.71 1.86
C SER A 20 10.58 29.63 2.42
N ASP A 21 10.82 28.97 3.54
CA ASP A 21 12.15 29.04 4.20
C ASP A 21 13.16 28.18 3.43
N ARG A 22 14.42 28.52 3.59
CA ARG A 22 15.57 27.86 2.91
C ARG A 22 16.36 27.05 3.94
N LEU A 23 16.87 25.91 3.48
CA LEU A 23 17.88 25.08 4.16
C LEU A 23 19.24 25.74 3.97
N ILE A 24 19.94 26.12 5.04
CA ILE A 24 21.21 26.91 4.94
C ILE A 24 22.39 26.18 5.57
N GLU A 25 22.17 25.10 6.32
CA GLU A 25 23.26 24.27 6.87
C GLU A 25 22.75 22.83 7.03
N ILE A 26 23.61 21.86 6.73
CA ILE A 26 23.34 20.42 6.98
C ILE A 26 24.62 19.79 7.52
N ALA A 27 24.53 19.04 8.60
CA ALA A 27 25.64 18.23 9.14
C ALA A 27 25.19 16.77 9.22
N VAL A 28 26.12 15.85 9.04
CA VAL A 28 25.86 14.39 9.12
C VAL A 28 27.02 13.73 9.85
N LEU A 29 26.68 12.81 10.74
CA LEU A 29 27.60 11.87 11.41
C LEU A 29 26.94 10.50 11.36
N VAL A 30 27.72 9.44 11.18
CA VAL A 30 27.18 8.06 11.27
C VAL A 30 27.74 7.44 12.54
N THR A 31 26.88 6.75 13.30
CA THR A 31 27.29 5.89 14.43
C THR A 31 26.97 4.45 14.07
N ASP A 32 27.60 3.51 14.76
CA ASP A 32 27.11 2.11 14.77
C ASP A 32 25.88 2.07 15.71
N ALA A 33 25.28 0.88 15.86
CA ALA A 33 24.10 0.62 16.71
C ALA A 33 24.40 0.97 18.18
N ASP A 34 25.66 0.85 18.61
CA ASP A 34 26.07 1.16 20.01
C ASP A 34 26.48 2.62 20.15
N LEU A 35 26.23 3.46 19.15
CA LEU A 35 26.41 4.94 19.21
C LEU A 35 27.90 5.32 19.21
N ASN A 36 28.79 4.45 18.77
CA ASN A 36 30.20 4.81 18.45
C ASN A 36 30.23 5.55 17.11
N ILE A 37 30.85 6.73 17.09
CA ILE A 37 30.98 7.59 15.88
C ILE A 37 31.95 6.90 14.89
N LEU A 38 31.58 6.76 13.63
CA LEU A 38 32.37 5.97 12.65
C LEU A 38 33.32 6.85 11.86
N GLY A 39 33.24 8.16 12.02
CA GLY A 39 34.09 9.10 11.26
C GLY A 39 33.88 10.50 11.79
N ASP A 40 34.50 11.49 11.15
CA ASP A 40 34.43 12.91 11.60
C ASP A 40 33.16 13.55 11.05
N GLY A 41 32.49 12.90 10.09
CA GLY A 41 31.24 13.43 9.53
C GLY A 41 31.51 14.55 8.56
N LEU A 42 30.51 15.38 8.32
CA LEU A 42 30.57 16.41 7.29
C LEU A 42 29.55 17.48 7.65
N ASP A 43 29.92 18.75 7.51
CA ASP A 43 28.96 19.87 7.68
C ASP A 43 29.18 20.84 6.53
N VAL A 44 28.08 21.31 5.95
CA VAL A 44 28.10 22.12 4.72
C VAL A 44 27.15 23.27 4.93
N VAL A 45 27.62 24.49 4.68
CA VAL A 45 26.75 25.68 4.65
C VAL A 45 26.30 25.87 3.21
N ILE A 46 25.00 26.04 3.04
CA ILE A 46 24.34 26.10 1.72
C ILE A 46 23.98 27.56 1.45
N HIS A 47 24.32 28.03 0.24
CA HIS A 47 24.09 29.42 -0.19
C HIS A 47 22.59 29.70 -0.21
N ALA A 48 22.21 30.86 0.28
CA ALA A 48 20.88 31.47 0.05
C ALA A 48 21.10 32.93 -0.31
N ASP A 49 20.24 33.50 -1.15
CA ASP A 49 20.45 34.89 -1.66
C ASP A 49 20.02 35.85 -0.55
N ASP A 50 20.35 37.13 -0.70
CA ASP A 50 20.08 38.17 0.33
C ASP A 50 18.57 38.34 0.51
N GLU A 51 17.76 38.17 -0.53
CA GLU A 51 16.28 38.30 -0.42
C GLU A 51 15.75 37.24 0.56
N SER A 52 16.19 35.99 0.41
CA SER A 52 15.81 34.87 1.31
C SER A 52 16.24 35.17 2.75
N LEU A 53 17.50 35.57 2.93
CA LEU A 53 18.06 35.82 4.28
C LEU A 53 17.32 37.00 4.94
N SER A 54 16.85 37.97 4.15
CA SER A 54 16.17 39.18 4.66
C SER A 54 14.77 38.81 5.20
N SER A 55 14.27 37.62 4.91
CA SER A 55 12.93 37.16 5.36
C SER A 55 13.02 36.55 6.76
N MET A 56 14.21 36.32 7.32
CA MET A 56 14.36 35.72 8.66
C MET A 56 13.70 36.64 9.70
N VAL A 57 12.85 36.08 10.58
CA VAL A 57 12.32 36.82 11.76
C VAL A 57 13.50 37.14 12.67
N ASP A 58 13.32 38.16 13.49
CA ASP A 58 14.43 38.83 14.23
C ASP A 58 15.10 37.82 15.16
N VAL A 59 14.37 36.94 15.83
CA VAL A 59 15.01 35.98 16.79
CA VAL A 59 15.00 35.98 16.79
C VAL A 59 15.93 35.05 16.00
N VAL A 60 15.50 34.58 14.82
CA VAL A 60 16.36 33.68 13.97
C VAL A 60 17.52 34.49 13.38
N LYS A 61 17.24 35.68 12.86
CA LYS A 61 18.28 36.60 12.33
C LYS A 61 19.38 36.81 13.39
N GLN A 62 18.99 37.10 14.63
CA GLN A 62 19.99 37.35 15.71
C GLN A 62 20.80 36.07 15.99
N MET A 63 20.12 34.93 16.07
CA MET A 63 20.78 33.61 16.32
C MET A 63 21.81 33.31 15.24
N HIS A 64 21.43 33.42 13.96
CA HIS A 64 22.31 33.09 12.82
C HIS A 64 23.40 34.16 12.63
N ALA A 65 23.14 35.42 13.01
CA ALA A 65 24.18 36.48 13.02
C ALA A 65 25.23 36.12 14.07
N ARG A 66 24.81 35.78 15.28
CA ARG A 66 25.73 35.58 16.43
C ARG A 66 26.56 34.31 16.22
N SER A 67 26.03 33.27 15.56
CA SER A 67 26.78 32.01 15.35
C SER A 67 27.78 32.17 14.20
N GLY A 68 27.69 33.25 13.40
CA GLY A 68 28.49 33.42 12.17
C GLY A 68 27.88 32.70 10.96
N LEU A 69 26.73 32.02 11.13
CA LEU A 69 26.13 31.24 10.02
C LEU A 69 25.72 32.17 8.87
N THR A 70 25.06 33.29 9.16
CA THR A 70 24.51 34.16 8.09
C THR A 70 25.66 34.60 7.16
N GLU A 71 26.79 35.03 7.71
CA GLU A 71 27.93 35.46 6.87
C GLU A 71 28.47 34.27 6.08
N GLU A 72 28.51 33.08 6.69
CA GLU A 72 29.00 31.85 6.00
C GLU A 72 28.04 31.55 4.85
N VAL A 73 26.74 31.78 5.03
CA VAL A 73 25.74 31.51 3.98
C VAL A 73 25.98 32.44 2.79
N ARG A 74 26.23 33.74 3.05
CA ARG A 74 26.45 34.74 1.97
C ARG A 74 27.68 34.32 1.15
N ARG A 75 28.71 33.79 1.81
CA ARG A 75 30.04 33.47 1.21
C ARG A 75 30.01 32.06 0.59
N SER A 76 29.00 31.23 0.91
CA SER A 76 28.96 29.82 0.42
C SER A 76 28.80 29.80 -1.10
N THR A 77 29.47 28.88 -1.77
CA THR A 77 29.27 28.57 -3.21
C THR A 77 28.62 27.19 -3.37
N VAL A 78 28.07 26.62 -2.29
CA VAL A 78 27.46 25.25 -2.33
C VAL A 78 25.95 25.40 -2.49
N ASP A 79 25.39 24.82 -3.56
CA ASP A 79 23.92 24.79 -3.81
C ASP A 79 23.31 23.52 -3.18
N LEU A 80 21.99 23.39 -3.25
CA LEU A 80 21.24 22.28 -2.61
C LEU A 80 21.70 20.94 -3.18
N ALA A 81 21.73 20.80 -4.51
CA ALA A 81 22.07 19.54 -5.20
C ALA A 81 23.49 19.11 -4.82
N THR A 82 24.43 20.03 -4.70
CA THR A 82 25.84 19.71 -4.32
C THR A 82 25.88 19.26 -2.84
N ALA A 83 25.18 19.97 -1.96
CA ALA A 83 25.15 19.62 -0.52
C ALA A 83 24.57 18.19 -0.38
N GLU A 84 23.49 17.90 -1.10
CA GLU A 84 22.83 16.57 -1.08
C GLU A 84 23.83 15.49 -1.52
N GLU A 85 24.57 15.75 -2.60
CA GLU A 85 25.55 14.78 -3.14
CA GLU A 85 25.55 14.77 -3.13
C GLU A 85 26.66 14.57 -2.10
N MET A 86 27.14 15.65 -1.46
CA MET A 86 28.23 15.53 -0.46
C MET A 86 27.73 14.71 0.73
N VAL A 87 26.50 14.95 1.20
CA VAL A 87 25.95 14.24 2.39
C VAL A 87 25.71 12.76 2.04
N LEU A 88 25.08 12.50 0.90
CA LEU A 88 24.72 11.12 0.47
C LEU A 88 26.00 10.32 0.23
N ASP A 89 27.03 10.91 -0.39
CA ASP A 89 28.33 10.23 -0.60
C ASP A 89 28.96 9.92 0.76
N TYR A 90 28.92 10.85 1.71
CA TYR A 90 29.43 10.60 3.07
C TYR A 90 28.70 9.39 3.67
N ILE A 91 27.36 9.37 3.60
CA ILE A 91 26.53 8.28 4.21
C ILE A 91 26.87 6.94 3.53
N ARG A 92 27.01 6.92 2.21
CA ARG A 92 27.20 5.67 1.41
C ARG A 92 28.57 5.05 1.70
N GLY A 93 29.53 5.82 2.22
CA GLY A 93 30.81 5.28 2.73
C GLY A 93 30.61 4.37 3.93
N HIS A 94 29.52 4.51 4.68
CA HIS A 94 29.25 3.75 5.93
C HIS A 94 28.05 2.81 5.75
N VAL A 95 27.06 3.21 4.97
CA VAL A 95 25.75 2.52 4.83
C VAL A 95 25.66 1.96 3.41
N LYS A 96 25.65 0.64 3.29
CA LYS A 96 25.81 -0.05 1.98
C LYS A 96 24.45 -0.26 1.31
N GLN A 97 23.34 -0.32 2.04
CA GLN A 97 22.00 -0.60 1.45
CA GLN A 97 21.99 -0.61 1.47
C GLN A 97 21.06 0.60 1.65
N ALA A 98 20.28 0.89 0.61
CA ALA A 98 19.16 1.84 0.61
C ALA A 98 18.07 1.37 1.59
N LYS A 99 17.35 2.34 2.13
CA LYS A 99 16.15 2.15 2.99
C LYS A 99 16.46 1.22 4.17
N THR A 100 17.64 1.33 4.77
CA THR A 100 18.04 0.48 5.92
CA THR A 100 18.04 0.48 5.92
C THR A 100 18.34 1.36 7.14
N ALA A 101 19.18 2.38 6.98
CA ALA A 101 19.63 3.24 8.10
C ALA A 101 18.58 4.29 8.39
N PRO A 102 18.09 4.35 9.65
CA PRO A 102 17.24 5.46 10.09
C PRO A 102 18.04 6.74 10.35
N LEU A 103 17.34 7.85 10.22
CA LEU A 103 17.78 9.22 10.58
C LEU A 103 17.54 9.39 12.08
N ALA A 104 18.53 9.89 12.80
CA ALA A 104 18.50 10.10 14.25
C ALA A 104 18.82 11.56 14.59
N GLY A 105 18.19 12.05 15.65
CA GLY A 105 18.43 13.40 16.21
C GLY A 105 17.34 13.82 17.15
N ASN A 106 17.37 15.08 17.59
CA ASN A 106 16.33 15.73 18.42
C ASN A 106 15.31 16.42 17.50
N SER A 107 14.03 16.11 17.65
CA SER A 107 12.93 16.72 16.86
C SER A 107 13.32 16.68 15.37
N ILE A 108 13.73 15.50 14.93
CA ILE A 108 14.36 15.18 13.61
C ILE A 108 13.31 15.30 12.50
N ALA A 109 12.01 15.30 12.81
CA ALA A 109 10.92 15.45 11.82
C ALA A 109 11.05 16.80 11.09
N THR A 110 11.47 17.85 11.81
CA THR A 110 11.66 19.20 11.25
C THR A 110 12.69 19.13 10.12
N ASP A 111 13.84 18.54 10.41
CA ASP A 111 14.97 18.39 9.47
CA ASP A 111 14.96 18.40 9.45
C ASP A 111 14.52 17.50 8.30
N ARG A 112 13.80 16.40 8.59
CA ARG A 112 13.35 15.48 7.54
C ARG A 112 12.39 16.19 6.57
N GLY A 113 11.54 17.09 7.06
CA GLY A 113 10.62 17.88 6.22
C GLY A 113 11.39 18.67 5.15
N PHE A 114 12.47 19.33 5.52
CA PHE A 114 13.32 20.10 4.57
C PHE A 114 14.06 19.15 3.63
N ILE A 115 14.60 18.05 4.15
CA ILE A 115 15.29 17.03 3.33
C ILE A 115 14.31 16.46 2.29
N ALA A 116 13.07 16.14 2.68
CA ALA A 116 12.07 15.56 1.75
C ALA A 116 11.79 16.60 0.65
N ARG A 117 11.71 17.88 1.01
CA ARG A 117 11.35 18.97 0.07
C ARG A 117 12.51 19.18 -0.89
N ASP A 118 13.75 19.24 -0.39
CA ASP A 118 14.89 19.80 -1.16
C ASP A 118 15.91 18.73 -1.57
N MET A 119 15.91 17.57 -0.92
CA MET A 119 16.97 16.55 -1.14
C MET A 119 16.29 15.18 -1.29
N PRO A 120 15.48 14.97 -2.36
CA PRO A 120 14.72 13.74 -2.54
C PRO A 120 15.56 12.45 -2.62
N LYS A 121 16.80 12.52 -3.12
CA LYS A 121 17.65 11.31 -3.22
C LYS A 121 18.08 10.91 -1.80
N LEU A 122 18.48 11.87 -0.98
CA LEU A 122 18.87 11.59 0.41
C LEU A 122 17.64 11.05 1.14
N ASP A 123 16.50 11.66 0.93
CA ASP A 123 15.23 11.27 1.61
C ASP A 123 14.93 9.80 1.27
N ASP A 124 15.10 9.42 0.00
CA ASP A 124 14.76 8.06 -0.50
CA ASP A 124 14.76 8.06 -0.50
C ASP A 124 15.77 7.03 0.01
N TYR A 125 17.02 7.43 0.20
CA TYR A 125 18.09 6.47 0.62
C TYR A 125 17.92 6.05 2.08
N LEU A 126 17.49 6.98 2.93
CA LEU A 126 17.32 6.71 4.38
C LEU A 126 16.06 5.87 4.57
N HIS A 127 16.05 5.02 5.61
CA HIS A 127 14.78 4.39 6.08
C HIS A 127 13.75 5.51 6.29
N TYR A 128 12.46 5.23 6.12
CA TYR A 128 11.39 6.19 6.46
C TYR A 128 11.31 6.35 7.98
N ARG A 129 11.70 5.34 8.75
CA ARG A 129 11.66 5.41 10.23
C ARG A 129 12.78 6.30 10.74
N MET A 130 12.53 6.98 11.85
CA MET A 130 13.52 7.87 12.45
C MET A 130 13.63 7.57 13.94
N ILE A 131 14.79 7.90 14.50
CA ILE A 131 15.05 7.80 15.96
C ILE A 131 15.07 9.21 16.50
N ASP A 132 13.96 9.62 17.13
CA ASP A 132 13.82 10.96 17.74
C ASP A 132 14.22 10.84 19.20
N VAL A 133 15.41 11.31 19.52
CA VAL A 133 15.92 11.34 20.92
C VAL A 133 14.94 12.13 21.81
N SER A 134 14.26 13.14 21.27
CA SER A 134 13.27 13.94 22.04
C SER A 134 12.04 13.11 22.38
N SER A 135 11.73 12.03 21.64
CA SER A 135 10.67 11.08 22.00
C SER A 135 11.00 10.44 23.36
N ILE A 136 12.25 10.01 23.53
CA ILE A 136 12.74 9.37 24.77
CA ILE A 136 12.73 9.37 24.77
C ILE A 136 12.76 10.43 25.87
N LYS A 137 13.22 11.63 25.55
CA LYS A 137 13.26 12.77 26.51
C LYS A 137 11.84 12.99 27.08
N GLU A 138 10.83 13.04 26.22
CA GLU A 138 9.44 13.33 26.63
C GLU A 138 8.86 12.16 27.41
N LEU A 139 9.23 10.92 27.08
CA LEU A 139 8.81 9.76 27.88
C LEU A 139 9.46 9.82 29.27
N CYS A 140 10.76 10.12 29.37
CA CYS A 140 11.47 10.19 30.68
C CYS A 140 10.89 11.35 31.51
N ARG A 141 10.52 12.44 30.86
CA ARG A 141 9.91 13.62 31.52
C ARG A 141 8.71 13.18 32.34
N ARG A 142 7.97 12.16 31.86
CA ARG A 142 6.76 11.63 32.53
C ARG A 142 7.14 10.45 33.44
N TRP A 143 7.87 9.47 32.93
CA TRP A 143 8.09 8.17 33.63
C TRP A 143 9.24 8.26 34.63
N TYR A 144 10.29 9.04 34.36
CA TYR A 144 11.50 9.10 35.21
C TYR A 144 11.99 10.54 35.34
N PRO A 145 11.28 11.39 36.10
CA PRO A 145 11.64 12.81 36.22
C PRO A 145 13.14 13.03 36.54
N ARG A 146 13.71 12.19 37.39
CA ARG A 146 15.13 12.29 37.81
C ARG A 146 16.02 12.13 36.58
N ILE A 147 15.64 11.26 35.65
CA ILE A 147 16.45 11.09 34.40
C ILE A 147 16.31 12.37 33.57
N TYR A 148 15.09 12.86 33.40
CA TYR A 148 14.82 14.07 32.59
C TYR A 148 15.63 15.24 33.15
N PHE A 149 15.57 15.49 34.46
CA PHE A 149 16.25 16.65 35.09
C PHE A 149 17.77 16.42 35.17
N GLY A 150 18.26 15.18 35.07
CA GLY A 150 19.69 14.86 35.20
C GLY A 150 20.44 14.85 33.87
N GLN A 151 19.81 15.21 32.75
CA GLN A 151 20.44 15.13 31.40
C GLN A 151 21.76 15.88 31.43
N PRO A 152 22.81 15.41 30.70
CA PRO A 152 24.04 16.21 30.56
C PRO A 152 23.72 17.58 29.94
N GLU A 153 24.47 18.60 30.35
CA GLU A 153 24.26 20.00 29.91
C GLU A 153 24.58 20.13 28.42
N LYS A 154 23.74 20.85 27.69
CA LYS A 154 23.89 21.11 26.23
C LYS A 154 24.53 22.49 26.06
N GLY A 155 25.39 22.65 25.05
CA GLY A 155 26.21 23.84 24.77
C GLY A 155 25.39 24.99 24.20
N ARG A 159 24.52 25.39 15.62
CA ARG A 159 25.31 24.98 14.43
C ARG A 159 25.20 23.45 14.33
N ALA A 160 25.08 22.97 13.09
CA ALA A 160 24.58 21.62 12.78
C ALA A 160 25.46 20.55 13.46
N LEU A 161 26.80 20.55 13.30
CA LEU A 161 27.63 19.38 13.72
C LEU A 161 27.70 19.29 15.25
N ALA A 162 27.85 20.40 15.96
CA ALA A 162 27.85 20.44 17.44
C ALA A 162 26.51 19.93 17.99
N ASP A 163 25.37 20.32 17.39
CA ASP A 163 24.01 19.88 17.78
C ASP A 163 23.94 18.33 17.69
N ILE A 164 24.45 17.76 16.60
CA ILE A 164 24.46 16.29 16.38
C ILE A 164 25.18 15.61 17.54
N HIS A 165 26.39 16.06 17.86
CA HIS A 165 27.20 15.45 18.96
C HIS A 165 26.39 15.45 20.26
N GLU A 166 25.66 16.53 20.53
CA GLU A 166 24.89 16.63 21.79
C GLU A 166 23.71 15.64 21.76
N SER A 167 23.11 15.41 20.59
CA SER A 167 21.99 14.45 20.45
C SER A 167 22.51 13.04 20.77
N ILE A 168 23.68 12.68 20.23
CA ILE A 168 24.32 11.36 20.50
C ILE A 168 24.57 11.23 22.00
N ARG A 169 25.13 12.25 22.64
CA ARG A 169 25.43 12.16 24.10
C ARG A 169 24.13 11.97 24.89
N GLU A 170 23.06 12.66 24.51
CA GLU A 170 21.75 12.53 25.21
C GLU A 170 21.24 11.09 25.07
N LEU A 171 21.35 10.46 23.88
CA LEU A 171 20.84 9.08 23.71
C LEU A 171 21.71 8.09 24.51
N LYS A 172 23.03 8.29 24.50
CA LYS A 172 23.93 7.46 25.35
C LYS A 172 23.47 7.54 26.81
N TYR A 173 23.12 8.75 27.26
CA TYR A 173 22.64 9.00 28.63
C TYR A 173 21.35 8.20 28.90
N TYR A 174 20.37 8.26 28.00
CA TYR A 174 19.10 7.51 28.18
C TYR A 174 19.37 6.01 28.13
N ARG A 175 20.24 5.56 27.23
CA ARG A 175 20.54 4.10 27.14
C ARG A 175 21.05 3.62 28.51
N ALA A 176 21.86 4.43 29.21
CA ALA A 176 22.53 4.03 30.45
C ALA A 176 21.58 4.14 31.65
N THR A 177 20.43 4.79 31.53
CA THR A 177 19.56 5.15 32.68
C THR A 177 18.13 4.59 32.53
N ALA A 178 17.47 4.81 31.40
CA ALA A 178 16.02 4.53 31.23
C ALA A 178 15.81 3.12 30.66
N PHE A 179 16.80 2.58 29.97
CA PHE A 179 16.71 1.29 29.26
C PHE A 179 17.32 0.17 30.10
N VAL A 180 16.75 -1.01 30.00
CA VAL A 180 17.21 -2.21 30.77
C VAL A 180 18.60 -2.62 30.29
N PRO A 181 19.38 -3.27 31.17
CA PRO A 181 20.64 -3.90 30.76
C PRO A 181 20.39 -5.01 29.73
N GLN A 182 21.30 -5.20 28.81
CA GLN A 182 21.24 -6.32 27.83
CA GLN A 182 21.23 -6.32 27.83
C GLN A 182 21.36 -7.63 28.62
N PRO A 183 20.75 -8.74 28.16
CA PRO A 183 20.01 -8.80 26.90
C PRO A 183 18.51 -8.46 26.99
N GLY A 184 18.07 -7.95 28.13
CA GLY A 184 16.66 -7.66 28.39
C GLY A 184 15.95 -8.88 28.96
N PRO A 185 14.59 -8.89 28.95
CA PRO A 185 13.85 -9.92 29.67
C PRO A 185 13.85 -11.27 28.94
N SER A 186 13.40 -12.32 29.62
CA SER A 186 13.37 -13.73 29.12
C SER A 186 12.38 -13.84 27.96
N THR A 187 12.60 -14.80 27.07
CA THR A 187 11.68 -15.05 25.93
C THR A 187 10.29 -15.38 26.48
N SER A 188 10.19 -16.07 27.63
CA SER A 188 8.87 -16.44 28.23
C SER A 188 8.18 -15.20 28.79
N ASP A 189 8.93 -14.33 29.49
CA ASP A 189 8.39 -13.03 29.98
C ASP A 189 7.86 -12.22 28.79
N ILE A 190 8.63 -12.16 27.71
CA ILE A 190 8.25 -11.35 26.51
C ILE A 190 6.92 -11.89 25.95
N ALA A 191 6.84 -13.21 25.77
CA ALA A 191 5.64 -13.89 25.24
C ALA A 191 4.41 -13.57 26.12
N ALA A 192 4.56 -13.67 27.45
CA ALA A 192 3.45 -13.43 28.43
C ALA A 192 2.93 -12.01 28.27
N ILE A 193 3.85 -11.03 28.21
CA ILE A 193 3.50 -9.59 28.10
C ILE A 193 2.79 -9.35 26.75
N ALA A 194 3.33 -9.89 25.66
CA ALA A 194 2.78 -9.71 24.30
C ALA A 194 1.36 -10.27 24.24
N ALA A 195 1.15 -11.42 24.90
CA ALA A 195 -0.14 -12.17 24.93
C ALA A 195 -1.24 -11.28 25.51
N GLU A 196 -0.97 -10.63 26.65
CA GLU A 196 -1.93 -9.70 27.31
C GLU A 196 -2.27 -8.51 26.40
N LEU A 197 -1.41 -8.16 25.45
CA LEU A 197 -1.58 -7.00 24.55
C LEU A 197 -1.90 -7.51 23.13
N VAL B 2 1.06 20.79 33.93
CA VAL B 2 0.53 19.39 34.03
C VAL B 2 0.90 18.65 32.74
N ARG B 3 1.67 17.55 32.85
CA ARG B 3 2.28 16.84 31.68
C ARG B 3 1.79 15.39 31.60
N ASP B 4 0.60 15.07 32.09
N ASP B 4 0.52 15.14 31.93
CA ASP B 4 0.14 13.67 31.95
CA ASP B 4 -0.04 13.77 32.08
C ASP B 4 0.11 13.45 30.43
C ASP B 4 -1.02 13.48 30.92
N GLU B 5 -0.79 14.17 29.76
N GLU B 5 -0.77 14.12 29.76
CA GLU B 5 -1.49 13.80 28.50
C GLU B 5 -0.53 13.63 27.32
N LEU B 6 -0.77 12.56 26.58
CA LEU B 6 -0.23 12.29 25.23
C LEU B 6 -1.39 12.36 24.27
N VAL B 7 -1.22 13.08 23.17
CA VAL B 7 -2.25 13.13 22.10
C VAL B 7 -1.81 12.16 21.01
N TRP B 8 -2.61 11.12 20.78
CA TRP B 8 -2.37 10.10 19.74
C TRP B 8 -3.21 10.46 18.53
N ILE B 9 -2.57 10.66 17.37
CA ILE B 9 -3.27 10.94 16.10
C ILE B 9 -2.72 9.99 15.05
N ASP B 10 -3.62 9.46 14.24
CA ASP B 10 -3.25 8.76 12.98
C ASP B 10 -4.10 9.34 11.86
N CYS B 11 -3.48 9.56 10.71
CA CYS B 11 -4.13 10.07 9.49
C CYS B 11 -4.08 8.99 8.40
N GLU B 12 -5.02 9.09 7.46
CA GLU B 12 -4.93 8.41 6.15
C GLU B 12 -4.94 9.49 5.08
N MET B 13 -4.23 9.21 3.99
CA MET B 13 -4.01 10.16 2.88
C MET B 13 -4.19 9.41 1.54
N THR B 14 -4.35 10.14 0.46
CA THR B 14 -4.33 9.60 -0.92
C THR B 14 -2.90 9.16 -1.26
N GLY B 15 -1.90 9.65 -0.51
CA GLY B 15 -0.47 9.36 -0.71
C GLY B 15 0.36 10.23 0.22
N LEU B 16 1.68 10.18 0.11
CA LEU B 16 2.56 10.86 1.10
C LEU B 16 3.19 12.12 0.52
N ASP B 17 2.75 12.58 -0.65
CA ASP B 17 3.34 13.76 -1.34
C ASP B 17 2.63 15.04 -0.86
N LEU B 18 3.31 15.87 -0.07
CA LEU B 18 2.74 17.12 0.50
C LEU B 18 2.41 18.12 -0.61
N LYS B 19 2.96 17.97 -1.82
CA LYS B 19 2.65 18.89 -2.96
C LYS B 19 1.28 18.61 -3.56
N SER B 20 0.66 17.43 -3.37
CA SER B 20 -0.57 17.07 -4.11
C SER B 20 -1.54 16.19 -3.32
N ASP B 21 -1.08 15.36 -2.39
CA ASP B 21 -1.96 14.36 -1.75
C ASP B 21 -2.90 15.05 -0.75
N ARG B 22 -4.03 14.41 -0.51
CA ARG B 22 -5.10 14.89 0.37
C ARG B 22 -5.14 14.05 1.64
N LEU B 23 -5.43 14.72 2.74
CA LEU B 23 -5.76 14.12 4.05
C LEU B 23 -7.22 13.69 3.99
N ILE B 24 -7.51 12.39 4.19
CA ILE B 24 -8.87 11.84 3.98
C ILE B 24 -9.42 11.22 5.27
N GLU B 25 -8.59 10.96 6.27
CA GLU B 25 -9.08 10.50 7.60
C GLU B 25 -8.14 11.01 8.69
N ILE B 26 -8.69 11.38 9.83
CA ILE B 26 -7.91 11.74 11.05
C ILE B 26 -8.63 11.14 12.25
N ALA B 27 -7.88 10.49 13.13
CA ALA B 27 -8.39 9.95 14.41
C ALA B 27 -7.55 10.50 15.54
N VAL B 28 -8.14 10.70 16.71
CA VAL B 28 -7.43 11.22 17.91
C VAL B 28 -7.93 10.47 19.13
N LEU B 29 -6.98 10.07 19.98
CA LEU B 29 -7.21 9.53 21.33
C LEU B 29 -6.26 10.28 22.25
N VAL B 30 -6.67 10.59 23.46
CA VAL B 30 -5.75 11.13 24.50
C VAL B 30 -5.54 10.03 25.54
N THR B 31 -4.29 9.81 25.95
CA THR B 31 -3.93 8.95 27.10
C THR B 31 -3.33 9.82 28.20
N ASP B 32 -3.33 9.32 29.42
CA ASP B 32 -2.47 9.87 30.49
C ASP B 32 -1.04 9.36 30.22
N ALA B 33 -0.09 9.72 31.09
CA ALA B 33 1.34 9.36 31.02
C ALA B 33 1.50 7.84 31.11
N ASP B 34 0.58 7.14 31.78
CA ASP B 34 0.61 5.67 31.94
C ASP B 34 -0.11 4.97 30.79
N LEU B 35 -0.51 5.70 29.74
CA LEU B 35 -1.08 5.16 28.49
C LEU B 35 -2.49 4.62 28.73
N ASN B 36 -3.17 5.05 29.79
CA ASN B 36 -4.63 4.81 29.96
C ASN B 36 -5.36 5.80 29.06
N ILE B 37 -6.28 5.29 28.26
CA ILE B 37 -7.13 6.09 27.33
C ILE B 37 -8.12 6.91 28.18
N LEU B 38 -8.25 8.20 27.91
CA LEU B 38 -9.04 9.13 28.77
C LEU B 38 -10.47 9.30 28.24
N GLY B 39 -10.77 8.73 27.09
CA GLY B 39 -12.09 8.81 26.45
C GLY B 39 -12.10 7.91 25.24
N ASP B 40 -13.18 7.89 24.45
CA ASP B 40 -13.30 6.98 23.29
C ASP B 40 -12.64 7.61 22.07
N GLY B 41 -12.29 8.90 22.15
CA GLY B 41 -11.59 9.58 21.05
C GLY B 41 -12.56 9.95 19.97
N LEU B 42 -12.05 10.18 18.78
CA LEU B 42 -12.82 10.76 17.67
C LEU B 42 -12.12 10.37 16.39
N ASP B 43 -12.88 9.97 15.38
CA ASP B 43 -12.33 9.71 14.03
C ASP B 43 -13.28 10.32 13.02
N VAL B 44 -12.73 10.98 12.03
CA VAL B 44 -13.49 11.81 11.06
C VAL B 44 -12.92 11.47 9.69
N VAL B 45 -13.80 11.13 8.75
CA VAL B 45 -13.43 10.98 7.33
C VAL B 45 -13.67 12.31 6.65
N ILE B 46 -12.67 12.77 5.93
CA ILE B 46 -12.65 14.11 5.30
C ILE B 46 -12.91 13.92 3.81
N HIS B 47 -13.83 14.71 3.27
CA HIS B 47 -14.23 14.63 1.85
C HIS B 47 -13.05 15.00 0.98
N ALA B 48 -12.84 14.26 -0.10
CA ALA B 48 -11.94 14.63 -1.21
C ALA B 48 -12.70 14.32 -2.50
N ASP B 49 -12.44 15.08 -3.56
CA ASP B 49 -13.20 14.94 -4.82
C ASP B 49 -12.66 13.72 -5.57
N ASP B 50 -13.39 13.28 -6.59
CA ASP B 50 -13.08 12.08 -7.40
C ASP B 50 -11.75 12.28 -8.13
N GLU B 51 -11.41 13.50 -8.54
CA GLU B 51 -10.13 13.76 -9.25
C GLU B 51 -8.97 13.41 -8.31
N SER B 52 -9.01 13.87 -7.05
CA SER B 52 -7.96 13.58 -6.02
C SER B 52 -7.88 12.08 -5.79
N LEU B 53 -9.03 11.42 -5.57
CA LEU B 53 -9.08 9.97 -5.26
C LEU B 53 -8.52 9.18 -6.45
N SER B 54 -8.71 9.68 -7.68
CA SER B 54 -8.28 9.00 -8.93
C SER B 54 -6.75 9.02 -9.05
N SER B 55 -6.06 9.84 -8.26
CA SER B 55 -4.58 9.99 -8.33
C SER B 55 -3.90 8.93 -7.44
N MET B 56 -4.64 8.21 -6.61
CA MET B 56 -4.04 7.19 -5.72
C MET B 56 -3.35 6.10 -6.55
N VAL B 57 -2.10 5.76 -6.23
CA VAL B 57 -1.40 4.58 -6.82
C VAL B 57 -2.17 3.33 -6.40
N ASP B 58 -2.01 2.24 -7.16
CA ASP B 58 -2.88 1.05 -7.06
C ASP B 58 -2.79 0.44 -5.66
N VAL B 59 -1.62 0.38 -5.04
CA VAL B 59 -1.53 -0.27 -3.71
CA VAL B 59 -1.49 -0.25 -3.69
C VAL B 59 -2.33 0.55 -2.69
N VAL B 60 -2.27 1.87 -2.77
CA VAL B 60 -3.05 2.75 -1.83
C VAL B 60 -4.55 2.67 -2.18
N LYS B 61 -4.87 2.76 -3.47
CA LYS B 61 -6.26 2.61 -3.97
C LYS B 61 -6.88 1.32 -3.43
N GLN B 62 -6.14 0.19 -3.53
CA GLN B 62 -6.68 -1.12 -3.09
C GLN B 62 -6.88 -1.11 -1.58
N MET B 63 -5.92 -0.59 -0.84
CA MET B 63 -5.99 -0.52 0.66
C MET B 63 -7.24 0.27 1.08
N HIS B 64 -7.43 1.45 0.52
CA HIS B 64 -8.56 2.35 0.89
C HIS B 64 -9.90 1.82 0.36
N ALA B 65 -9.90 1.10 -0.78
CA ALA B 65 -11.11 0.44 -1.30
C ALA B 65 -11.52 -0.67 -0.34
N ARG B 66 -10.58 -1.52 0.06
CA ARG B 66 -10.88 -2.73 0.87
C ARG B 66 -11.33 -2.36 2.27
N SER B 67 -10.80 -1.26 2.85
CA SER B 67 -11.16 -0.86 4.23
C SER B 67 -12.52 -0.15 4.26
N GLY B 68 -13.08 0.21 3.10
CA GLY B 68 -14.31 1.01 3.02
C GLY B 68 -14.04 2.51 3.11
N LEU B 69 -12.78 2.94 3.25
CA LEU B 69 -12.46 4.37 3.45
C LEU B 69 -12.83 5.16 2.21
N THR B 70 -12.48 4.70 1.00
CA THR B 70 -12.72 5.48 -0.24
C THR B 70 -14.21 5.84 -0.35
N GLU B 71 -15.10 4.89 -0.12
CA GLU B 71 -16.56 5.15 -0.23
C GLU B 71 -16.98 6.11 0.89
N GLU B 72 -16.41 5.98 2.09
CA GLU B 72 -16.73 6.90 3.22
C GLU B 72 -16.26 8.31 2.83
N VAL B 73 -15.15 8.42 2.11
CA VAL B 73 -14.62 9.74 1.67
C VAL B 73 -15.62 10.37 0.69
N ARG B 74 -16.11 9.60 -0.28
CA ARG B 74 -17.07 10.11 -1.31
C ARG B 74 -18.33 10.63 -0.62
N ARG B 75 -18.79 9.96 0.43
CA ARG B 75 -20.07 10.25 1.14
CA ARG B 75 -20.07 10.26 1.13
C ARG B 75 -19.85 11.35 2.20
N SER B 76 -18.60 11.64 2.60
CA SER B 76 -18.32 12.60 3.69
C SER B 76 -18.79 14.01 3.29
N THR B 77 -19.34 14.76 4.24
CA THR B 77 -19.66 16.21 4.10
C THR B 77 -18.72 17.04 4.99
N VAL B 78 -17.63 16.45 5.50
CA VAL B 78 -16.69 17.14 6.42
C VAL B 78 -15.50 17.64 5.62
N ASP B 79 -15.24 18.96 5.67
CA ASP B 79 -14.03 19.57 5.05
C ASP B 79 -12.88 19.65 6.06
N LEU B 80 -11.72 20.13 5.63
CA LEU B 80 -10.49 20.19 6.47
C LEU B 80 -10.75 21.06 7.70
N ALA B 81 -11.30 22.27 7.53
CA ALA B 81 -11.49 23.25 8.63
C ALA B 81 -12.42 22.63 9.69
N THR B 82 -13.46 21.91 9.29
CA THR B 82 -14.41 21.28 10.23
C THR B 82 -13.74 20.12 10.96
N ALA B 83 -12.98 19.29 10.24
CA ALA B 83 -12.28 18.14 10.84
C ALA B 83 -11.30 18.65 11.89
N GLU B 84 -10.57 19.71 11.56
CA GLU B 84 -9.57 20.35 12.46
C GLU B 84 -10.27 20.80 13.74
N GLU B 85 -11.42 21.46 13.59
CA GLU B 85 -12.19 22.00 14.74
C GLU B 85 -12.67 20.83 15.59
N MET B 86 -13.15 19.75 14.98
CA MET B 86 -13.66 18.58 15.74
C MET B 86 -12.49 17.95 16.52
N VAL B 87 -11.33 17.81 15.90
CA VAL B 87 -10.15 17.16 16.57
C VAL B 87 -9.64 18.06 17.71
N LEU B 88 -9.49 19.35 17.44
CA LEU B 88 -8.93 20.32 18.40
C LEU B 88 -9.90 20.46 19.59
N ASP B 89 -11.21 20.50 19.35
CA ASP B 89 -12.22 20.57 20.45
C ASP B 89 -12.12 19.28 21.28
N TYR B 90 -11.97 18.11 20.65
CA TYR B 90 -11.80 16.85 21.39
C TYR B 90 -10.56 16.96 22.30
N ILE B 91 -9.42 17.42 21.75
CA ILE B 91 -8.13 17.49 22.52
C ILE B 91 -8.30 18.46 23.69
N ARG B 92 -8.92 19.61 23.47
CA ARG B 92 -9.04 20.71 24.47
C ARG B 92 -9.91 20.27 25.66
N GLY B 93 -10.78 19.27 25.49
CA GLY B 93 -11.51 18.64 26.59
C GLY B 93 -10.59 17.95 27.58
N HIS B 94 -9.38 17.54 27.18
CA HIS B 94 -8.44 16.75 28.02
C HIS B 94 -7.18 17.56 28.34
N VAL B 95 -6.76 18.40 27.40
CA VAL B 95 -5.46 19.12 27.45
C VAL B 95 -5.79 20.61 27.58
N LYS B 96 -5.46 21.19 28.72
CA LYS B 96 -5.92 22.55 29.10
C LYS B 96 -4.97 23.63 28.56
N GLN B 97 -3.70 23.32 28.32
CA GLN B 97 -2.68 24.32 27.89
C GLN B 97 -2.18 23.97 26.48
N ALA B 98 -2.01 24.99 25.65
CA ALA B 98 -1.34 24.96 24.36
C ALA B 98 0.14 24.58 24.55
N LYS B 99 0.70 23.95 23.51
CA LYS B 99 2.15 23.68 23.38
CA LYS B 99 2.15 23.67 23.38
C LYS B 99 2.65 22.86 24.58
N THR B 100 1.84 21.93 25.09
CA THR B 100 2.22 21.10 26.26
CA THR B 100 2.21 21.10 26.26
C THR B 100 2.20 19.62 25.86
N ALA B 101 1.10 19.15 25.25
CA ALA B 101 0.92 17.72 24.93
C ALA B 101 1.62 17.40 23.61
N PRO B 102 2.55 16.44 23.63
CA PRO B 102 3.15 15.93 22.40
C PRO B 102 2.20 14.99 21.64
N LEU B 103 2.40 14.96 20.33
CA LEU B 103 1.76 14.03 19.39
C LEU B 103 2.50 12.69 19.46
N ALA B 104 1.76 11.60 19.57
CA ALA B 104 2.30 10.24 19.71
C ALA B 104 1.72 9.33 18.63
N GLY B 105 2.55 8.41 18.15
CA GLY B 105 2.16 7.39 17.17
C GLY B 105 3.38 6.70 16.59
N ASN B 106 3.15 5.88 15.56
CA ASN B 106 4.20 5.22 14.75
C ASN B 106 4.50 6.10 13.53
N SER B 107 5.76 6.44 13.32
CA SER B 107 6.22 7.25 12.15
C SER B 107 5.31 8.49 12.04
N ILE B 108 5.14 9.17 13.17
CA ILE B 108 4.15 10.27 13.42
C ILE B 108 4.56 11.53 12.64
N ALA B 109 5.82 11.65 12.18
CA ALA B 109 6.31 12.79 11.37
C ALA B 109 5.47 12.94 10.10
N THR B 110 5.10 11.82 9.49
CA THR B 110 4.32 11.80 8.23
C THR B 110 2.99 12.51 8.48
N ASP B 111 2.30 12.11 9.53
CA ASP B 111 0.97 12.66 9.92
CA ASP B 111 0.98 12.68 9.89
C ASP B 111 1.16 14.15 10.26
N ARG B 112 2.20 14.49 11.01
CA ARG B 112 2.43 15.88 11.44
C ARG B 112 2.67 16.78 10.22
N GLY B 113 3.33 16.28 9.16
CA GLY B 113 3.55 17.04 7.92
C GLY B 113 2.22 17.48 7.30
N PHE B 114 1.24 16.60 7.23
CA PHE B 114 -0.10 16.92 6.67
C PHE B 114 -0.84 17.87 7.61
N ILE B 115 -0.76 17.63 8.91
CA ILE B 115 -1.40 18.51 9.93
C ILE B 115 -0.81 19.92 9.81
N ALA B 116 0.51 20.06 9.69
CA ALA B 116 1.16 21.39 9.58
C ALA B 116 0.65 22.08 8.30
N ARG B 117 0.49 21.33 7.21
CA ARG B 117 0.10 21.91 5.90
C ARG B 117 -1.36 22.34 5.96
N ASP B 118 -2.24 21.51 6.53
CA ASP B 118 -3.71 21.65 6.33
C ASP B 118 -4.44 22.10 7.58
N MET B 119 -3.83 21.93 8.77
CA MET B 119 -4.53 22.19 10.05
C MET B 119 -3.60 22.98 10.95
N PRO B 120 -3.27 24.24 10.58
CA PRO B 120 -2.32 25.06 11.34
C PRO B 120 -2.69 25.31 12.80
N LYS B 121 -3.97 25.36 13.15
CA LYS B 121 -4.41 25.61 14.55
C LYS B 121 -4.11 24.37 15.39
N LEU B 122 -4.40 23.19 14.86
CA LEU B 122 -4.09 21.92 15.57
C LEU B 122 -2.58 21.84 15.71
N ASP B 123 -1.85 22.15 14.65
CA ASP B 123 -0.36 22.05 14.64
C ASP B 123 0.19 22.94 15.75
N ASP B 124 -0.36 24.14 15.91
CA ASP B 124 0.14 25.16 16.86
C ASP B 124 -0.23 24.76 18.29
N TYR B 125 -1.35 24.08 18.51
CA TYR B 125 -1.81 23.72 19.86
C TYR B 125 -0.95 22.60 20.46
N LEU B 126 -0.50 21.66 19.65
CA LEU B 126 0.36 20.53 20.11
C LEU B 126 1.78 21.04 20.40
N HIS B 127 2.48 20.40 21.34
CA HIS B 127 3.95 20.59 21.50
C HIS B 127 4.61 20.36 20.14
N TYR B 128 5.73 20.99 19.84
CA TYR B 128 6.52 20.67 18.61
C TYR B 128 7.15 19.27 18.77
N ARG B 129 7.43 18.84 20.00
CA ARG B 129 8.04 17.51 20.24
C ARG B 129 7.01 16.41 20.03
N MET B 130 7.46 15.26 19.57
CA MET B 130 6.57 14.11 19.28
C MET B 130 7.18 12.85 19.89
N ILE B 131 6.31 11.91 20.24
CA ILE B 131 6.68 10.56 20.72
C ILE B 131 6.47 9.56 19.59
N ASP B 132 7.55 9.20 18.93
CA ASP B 132 7.52 8.24 17.81
C ASP B 132 7.84 6.86 18.39
N VAL B 133 6.81 6.03 18.52
CA VAL B 133 6.94 4.64 19.01
C VAL B 133 7.90 3.87 18.10
N SER B 134 7.96 4.19 16.79
CA SER B 134 8.88 3.50 15.85
C SER B 134 10.34 3.84 16.15
N SER B 135 10.63 4.96 16.82
CA SER B 135 12.00 5.26 17.32
C SER B 135 12.44 4.18 18.31
N ILE B 136 11.54 3.80 19.22
CA ILE B 136 11.81 2.76 20.25
CA ILE B 136 11.81 2.76 20.25
C ILE B 136 11.92 1.41 19.52
N LYS B 137 11.03 1.16 18.57
CA LYS B 137 11.07 -0.11 17.78
C LYS B 137 12.46 -0.27 17.17
N GLU B 138 12.97 0.78 16.52
CA GLU B 138 14.26 0.71 15.78
C GLU B 138 15.43 0.59 16.74
N LEU B 139 15.35 1.21 17.92
CA LEU B 139 16.40 1.03 18.94
C LEU B 139 16.39 -0.43 19.44
N CYS B 140 15.21 -0.99 19.74
CA CYS B 140 15.11 -2.38 20.24
C CYS B 140 15.55 -3.38 19.17
N ARG B 141 15.28 -3.08 17.91
CA ARG B 141 15.70 -3.91 16.77
C ARG B 141 17.21 -4.16 16.85
N ARG B 142 17.97 -3.18 17.32
CA ARG B 142 19.46 -3.26 17.41
C ARG B 142 19.86 -3.74 18.81
N TRP B 143 19.33 -3.12 19.86
CA TRP B 143 19.79 -3.37 21.26
C TRP B 143 19.17 -4.64 21.86
N TYR B 144 17.91 -4.95 21.54
CA TYR B 144 17.19 -6.10 22.14
C TYR B 144 16.39 -6.85 21.08
N PRO B 145 17.06 -7.61 20.18
CA PRO B 145 16.36 -8.31 19.10
C PRO B 145 15.15 -9.11 19.59
N ARG B 146 15.26 -9.77 20.75
CA ARG B 146 14.16 -10.57 21.33
C ARG B 146 12.94 -9.68 21.58
N ILE B 147 13.14 -8.42 21.98
CA ILE B 147 11.98 -7.51 22.22
C ILE B 147 11.38 -7.17 20.85
N TYR B 148 12.21 -6.84 19.89
CA TYR B 148 11.75 -6.46 18.53
C TYR B 148 10.94 -7.61 17.94
N PHE B 149 11.47 -8.84 17.98
CA PHE B 149 10.79 -10.02 17.37
C PHE B 149 9.59 -10.45 18.20
N GLY B 150 9.47 -10.04 19.47
CA GLY B 150 8.38 -10.48 20.36
C GLY B 150 7.21 -9.52 20.38
N GLN B 151 7.20 -8.46 19.57
CA GLN B 151 6.12 -7.44 19.58
C GLN B 151 4.76 -8.13 19.44
N PRO B 152 3.69 -7.66 20.09
CA PRO B 152 2.35 -8.20 19.87
C PRO B 152 1.97 -8.10 18.38
N GLU B 153 1.18 -9.03 17.89
CA GLU B 153 0.66 -9.01 16.50
C GLU B 153 -0.31 -7.84 16.34
N LYS B 154 -0.22 -7.14 15.21
CA LYS B 154 -1.03 -5.93 14.92
CA LYS B 154 -1.03 -5.93 14.92
C LYS B 154 -2.23 -6.34 14.05
N GLY B 155 -3.39 -5.72 14.24
CA GLY B 155 -4.63 -5.97 13.44
C GLY B 155 -4.54 -5.45 12.01
N LEU B 156 -3.79 -4.36 11.77
CA LEU B 156 -3.54 -3.79 10.41
C LEU B 156 -4.87 -3.39 9.73
N ALA B 157 -5.72 -2.62 10.41
CA ALA B 157 -7.03 -2.13 9.90
C ALA B 157 -6.84 -1.10 8.77
N HIS B 158 -5.69 -0.39 8.74
CA HIS B 158 -5.39 0.74 7.80
C HIS B 158 -6.48 1.82 7.91
N ARG B 159 -7.04 1.93 9.11
CA ARG B 159 -8.07 2.93 9.49
C ARG B 159 -7.53 3.65 10.72
N ALA B 160 -7.76 4.96 10.80
CA ALA B 160 -7.05 5.86 11.73
C ALA B 160 -7.23 5.39 13.19
N LEU B 161 -8.44 5.14 13.69
CA LEU B 161 -8.64 4.91 15.15
C LEU B 161 -8.06 3.54 15.58
N ALA B 162 -8.25 2.49 14.79
CA ALA B 162 -7.67 1.16 15.05
C ALA B 162 -6.13 1.24 15.05
N ASP B 163 -5.52 1.98 14.12
CA ASP B 163 -4.05 2.16 14.04
C ASP B 163 -3.55 2.82 15.33
N ILE B 164 -4.25 3.81 15.86
CA ILE B 164 -3.88 4.50 17.12
C ILE B 164 -3.82 3.46 18.25
N HIS B 165 -4.87 2.67 18.41
CA HIS B 165 -4.92 1.62 19.47
C HIS B 165 -3.70 0.71 19.36
N GLU B 166 -3.30 0.32 18.14
CA GLU B 166 -2.13 -0.58 17.95
CA GLU B 166 -2.13 -0.58 17.95
C GLU B 166 -0.84 0.14 18.37
N SER B 167 -0.73 1.45 18.11
CA SER B 167 0.48 2.23 18.48
C SER B 167 0.59 2.26 20.01
N ILE B 168 -0.52 2.50 20.70
CA ILE B 168 -0.56 2.50 22.18
C ILE B 168 -0.14 1.12 22.70
N ARG B 169 -0.66 0.05 22.14
CA ARG B 169 -0.32 -1.32 22.64
C ARG B 169 1.17 -1.58 22.41
N GLU B 170 1.73 -1.13 21.30
CA GLU B 170 3.18 -1.28 21.01
C GLU B 170 4.01 -0.56 22.08
N LEU B 171 3.62 0.66 22.46
CA LEU B 171 4.40 1.43 23.47
C LEU B 171 4.25 0.76 24.84
N LYS B 172 3.06 0.29 25.19
CA LYS B 172 2.84 -0.45 26.44
C LYS B 172 3.78 -1.64 26.49
N TYR B 173 3.92 -2.35 25.38
CA TYR B 173 4.81 -3.52 25.24
C TYR B 173 6.27 -3.10 25.50
N TYR B 174 6.73 -2.02 24.86
CA TYR B 174 8.13 -1.55 25.08
C TYR B 174 8.31 -1.07 26.52
N ARG B 175 7.32 -0.39 27.08
CA ARG B 175 7.43 0.11 28.47
C ARG B 175 7.66 -1.10 29.41
N ALA B 176 7.00 -2.22 29.14
CA ALA B 176 7.03 -3.42 30.01
C ALA B 176 8.32 -4.23 29.79
N THR B 177 9.09 -4.00 28.72
CA THR B 177 10.22 -4.88 28.31
C THR B 177 11.56 -4.12 28.24
N ALA B 178 11.60 -2.98 27.55
CA ALA B 178 12.86 -2.28 27.20
C ALA B 178 13.20 -1.25 28.29
N PHE B 179 12.21 -0.77 29.03
CA PHE B 179 12.37 0.35 29.97
C PHE B 179 12.50 -0.20 31.40
N VAL B 180 13.33 0.43 32.24
CA VAL B 180 13.56 -0.03 33.63
C VAL B 180 12.28 0.19 34.44
N PRO B 181 12.04 -0.66 35.47
CA PRO B 181 10.92 -0.47 36.39
C PRO B 181 11.06 0.88 37.12
N GLN B 182 9.95 1.55 37.38
CA GLN B 182 9.95 2.79 38.19
C GLN B 182 10.40 2.42 39.60
N PRO B 183 11.07 3.30 40.36
CA PRO B 183 11.32 4.69 39.95
C PRO B 183 12.60 4.92 39.14
N GLY B 184 13.30 3.84 38.76
CA GLY B 184 14.54 3.93 37.96
C GLY B 184 15.75 4.17 38.84
N PRO B 185 16.89 4.63 38.26
CA PRO B 185 18.11 4.75 39.03
C PRO B 185 18.09 5.99 39.96
N SER B 186 19.01 5.98 40.93
CA SER B 186 19.15 7.01 41.99
C SER B 186 19.67 8.29 41.35
N THR B 187 19.39 9.43 41.98
CA THR B 187 19.95 10.74 41.60
C THR B 187 21.47 10.64 41.48
N SER B 188 22.15 9.93 42.40
CA SER B 188 23.63 9.84 42.45
C SER B 188 24.13 9.01 41.26
N ASP B 189 23.48 7.87 40.98
CA ASP B 189 23.82 7.02 39.82
C ASP B 189 23.67 7.85 38.54
N ILE B 190 22.57 8.59 38.42
CA ILE B 190 22.29 9.42 37.21
C ILE B 190 23.42 10.47 37.06
N ALA B 191 23.76 11.17 38.13
CA ALA B 191 24.81 12.21 38.14
C ALA B 191 26.14 11.61 37.69
N ALA B 192 26.51 10.44 38.19
CA ALA B 192 27.78 9.76 37.84
C ALA B 192 27.83 9.48 36.33
N ILE B 193 26.73 8.94 35.79
CA ILE B 193 26.60 8.64 34.34
C ILE B 193 26.71 9.94 33.52
N ALA B 194 25.99 11.00 33.91
CA ALA B 194 25.98 12.28 33.19
C ALA B 194 27.40 12.86 33.17
N ALA B 195 28.13 12.73 34.29
CA ALA B 195 29.50 13.25 34.49
C ALA B 195 30.45 12.65 33.46
N GLU B 196 30.41 11.33 33.27
CA GLU B 196 31.24 10.62 32.26
C GLU B 196 30.93 11.09 30.83
N LEU B 197 29.74 11.65 30.59
CA LEU B 197 29.30 12.12 29.25
C LEU B 197 29.27 13.66 29.25
N VAL C 2 -16.81 -33.65 -12.49
CA VAL C 2 -17.93 -33.00 -11.74
C VAL C 2 -17.60 -31.51 -11.51
N ARG C 3 -16.35 -31.09 -11.74
CA ARG C 3 -15.89 -29.68 -11.68
C ARG C 3 -16.20 -29.09 -10.31
N ASP C 4 -15.91 -29.84 -9.25
CA ASP C 4 -16.31 -29.48 -7.86
C ASP C 4 -15.11 -28.93 -7.08
N GLU C 5 -14.12 -28.26 -7.75
CA GLU C 5 -13.02 -27.57 -7.05
C GLU C 5 -12.73 -26.20 -7.67
N LEU C 6 -12.61 -25.22 -6.77
CA LEU C 6 -12.03 -23.90 -7.06
C LEU C 6 -10.72 -23.82 -6.28
N VAL C 7 -9.66 -23.40 -6.94
CA VAL C 7 -8.35 -23.20 -6.28
C VAL C 7 -8.21 -21.70 -5.98
N TRP C 8 -8.14 -21.36 -4.70
CA TRP C 8 -8.01 -19.96 -4.21
C TRP C 8 -6.54 -19.72 -3.90
N ILE C 9 -5.92 -18.74 -4.56
CA ILE C 9 -4.51 -18.34 -4.28
C ILE C 9 -4.47 -16.84 -4.03
N ASP C 10 -3.69 -16.44 -3.03
CA ASP C 10 -3.28 -15.02 -2.86
C ASP C 10 -1.76 -14.99 -2.67
N CYS C 11 -1.12 -14.02 -3.29
CA CYS C 11 0.32 -13.78 -3.24
C CYS C 11 0.59 -12.42 -2.59
N GLU C 12 1.80 -12.26 -2.03
CA GLU C 12 2.37 -10.94 -1.68
C GLU C 12 3.67 -10.81 -2.46
N MET C 13 3.99 -9.57 -2.82
CA MET C 13 5.14 -9.23 -3.69
C MET C 13 5.83 -7.98 -3.12
N THR C 14 7.08 -7.74 -3.56
CA THR C 14 7.81 -6.49 -3.23
C THR C 14 7.16 -5.30 -3.96
N GLY C 15 6.37 -5.60 -4.99
CA GLY C 15 5.67 -4.61 -5.83
C GLY C 15 5.01 -5.33 -6.99
N LEU C 16 4.38 -4.61 -7.91
CA LEU C 16 3.55 -5.22 -8.97
C LEU C 16 4.26 -5.17 -10.33
N ASP C 17 5.55 -4.86 -10.37
CA ASP C 17 6.32 -4.78 -11.65
C ASP C 17 6.93 -6.14 -12.01
N LEU C 18 6.41 -6.80 -13.03
CA LEU C 18 6.88 -8.15 -13.46
C LEU C 18 8.32 -8.10 -13.97
N LYS C 19 8.86 -6.91 -14.31
CA LYS C 19 10.27 -6.79 -14.76
C LYS C 19 11.25 -6.89 -13.58
N SER C 20 10.85 -6.68 -12.32
CA SER C 20 11.84 -6.59 -11.21
C SER C 20 11.33 -7.10 -9.87
N ASP C 21 10.03 -7.05 -9.58
CA ASP C 21 9.54 -7.38 -8.23
C ASP C 21 9.59 -8.89 -8.00
N ARG C 22 9.67 -9.27 -6.74
CA ARG C 22 9.75 -10.67 -6.27
CA ARG C 22 9.73 -10.69 -6.30
C ARG C 22 8.41 -11.07 -5.63
N LEU C 23 8.04 -12.32 -5.84
CA LEU C 23 6.97 -13.03 -5.12
C LEU C 23 7.55 -13.47 -3.78
N ILE C 24 6.96 -13.05 -2.65
CA ILE C 24 7.53 -13.26 -1.30
C ILE C 24 6.57 -14.07 -0.42
N GLU C 25 5.31 -14.23 -0.81
CA GLU C 25 4.36 -15.10 -0.06
C GLU C 25 3.33 -15.66 -1.04
N ILE C 26 3.00 -16.95 -0.87
CA ILE C 26 1.90 -17.59 -1.62
C ILE C 26 1.07 -18.44 -0.65
N ALA C 27 -0.24 -18.30 -0.71
CA ALA C 27 -1.19 -19.13 0.07
C ALA C 27 -2.18 -19.78 -0.88
N VAL C 28 -2.60 -21.01 -0.56
CA VAL C 28 -3.59 -21.76 -1.37
C VAL C 28 -4.62 -22.41 -0.45
N LEU C 29 -5.89 -22.32 -0.83
CA LEU C 29 -7.03 -23.05 -0.22
C LEU C 29 -7.85 -23.59 -1.37
N VAL C 30 -8.40 -24.80 -1.22
CA VAL C 30 -9.34 -25.36 -2.21
C VAL C 30 -10.74 -25.34 -1.58
N THR C 31 -11.76 -24.95 -2.34
CA THR C 31 -13.18 -25.10 -1.98
C THR C 31 -13.82 -26.06 -2.99
N ASP C 32 -14.97 -26.63 -2.62
CA ASP C 32 -15.85 -27.26 -3.63
C ASP C 32 -16.57 -26.13 -4.37
N ALA C 33 -17.44 -26.48 -5.32
CA ALA C 33 -18.24 -25.54 -6.14
C ALA C 33 -19.18 -24.73 -5.25
N ASP C 34 -19.59 -25.26 -4.10
CA ASP C 34 -20.48 -24.55 -3.13
C ASP C 34 -19.68 -23.74 -2.13
N LEU C 35 -18.37 -23.58 -2.35
CA LEU C 35 -17.48 -22.68 -1.57
C LEU C 35 -17.26 -23.21 -0.15
N ASN C 36 -17.48 -24.50 0.11
CA ASN C 36 -17.02 -25.18 1.35
C ASN C 36 -15.50 -25.38 1.23
N ILE C 37 -14.75 -24.94 2.23
CA ILE C 37 -13.27 -25.10 2.30
C ILE C 37 -12.96 -26.57 2.55
N LEU C 38 -12.06 -27.17 1.77
CA LEU C 38 -11.84 -28.63 1.78
C LEU C 38 -10.64 -29.01 2.65
N GLY C 39 -9.91 -28.03 3.16
CA GLY C 39 -8.75 -28.32 4.01
C GLY C 39 -8.27 -27.06 4.69
N ASP C 40 -7.14 -27.13 5.37
CA ASP C 40 -6.55 -25.97 6.08
C ASP C 40 -5.73 -25.13 5.08
N GLY C 41 -5.41 -25.70 3.91
CA GLY C 41 -4.62 -24.98 2.91
C GLY C 41 -3.16 -24.93 3.30
N LEU C 42 -2.44 -24.00 2.71
CA LEU C 42 -0.98 -23.94 2.81
C LEU C 42 -0.58 -22.49 2.56
N ASP C 43 0.34 -21.97 3.37
CA ASP C 43 0.94 -20.63 3.08
C ASP C 43 2.44 -20.75 3.28
N VAL C 44 3.21 -20.14 2.40
CA VAL C 44 4.68 -20.26 2.46
C VAL C 44 5.28 -18.90 2.10
N VAL C 45 6.24 -18.51 2.92
CA VAL C 45 7.02 -17.27 2.71
C VAL C 45 8.27 -17.63 1.94
N ILE C 46 8.51 -16.89 0.88
CA ILE C 46 9.58 -17.16 -0.11
C ILE C 46 10.70 -16.14 0.12
N HIS C 47 11.93 -16.65 0.19
CA HIS C 47 13.12 -15.82 0.49
C HIS C 47 13.33 -14.82 -0.63
N ALA C 48 13.65 -13.58 -0.28
CA ALA C 48 14.21 -12.57 -1.20
C ALA C 48 15.39 -11.92 -0.50
N ASP C 49 16.40 -11.51 -1.26
CA ASP C 49 17.64 -10.94 -0.68
C ASP C 49 17.34 -9.48 -0.26
N ASP C 50 18.26 -8.90 0.51
CA ASP C 50 18.09 -7.55 1.09
C ASP C 50 18.06 -6.51 -0.03
N GLU C 51 18.76 -6.73 -1.13
CA GLU C 51 18.75 -5.77 -2.28
C GLU C 51 17.32 -5.67 -2.83
N SER C 52 16.65 -6.80 -3.07
CA SER C 52 15.25 -6.85 -3.55
CA SER C 52 15.25 -6.87 -3.55
C SER C 52 14.32 -6.15 -2.56
N LEU C 53 14.44 -6.47 -1.26
CA LEU C 53 13.55 -5.91 -0.22
C LEU C 53 13.77 -4.39 -0.13
N SER C 54 14.99 -3.92 -0.39
CA SER C 54 15.37 -2.49 -0.28
C SER C 54 14.71 -1.67 -1.40
N SER C 55 14.19 -2.32 -2.45
CA SER C 55 13.59 -1.66 -3.62
C SER C 55 12.11 -1.37 -3.34
N MET C 56 11.53 -1.91 -2.26
CA MET C 56 10.09 -1.73 -1.98
C MET C 56 9.84 -0.23 -1.73
N VAL C 57 8.82 0.34 -2.38
CA VAL C 57 8.36 1.72 -2.08
C VAL C 57 7.84 1.74 -0.64
N ASP C 58 7.83 2.92 -0.02
CA ASP C 58 7.63 3.06 1.45
C ASP C 58 6.27 2.51 1.86
N VAL C 59 5.20 2.72 1.08
CA VAL C 59 3.85 2.21 1.48
CA VAL C 59 3.86 2.21 1.50
C VAL C 59 3.91 0.67 1.56
N VAL C 60 4.55 0.02 0.60
CA VAL C 60 4.64 -1.47 0.59
C VAL C 60 5.60 -1.93 1.70
N LYS C 61 6.76 -1.29 1.81
CA LYS C 61 7.74 -1.54 2.90
C LYS C 61 7.04 -1.49 4.26
N GLN C 62 6.24 -0.45 4.50
CA GLN C 62 5.54 -0.26 5.79
C GLN C 62 4.53 -1.39 6.00
N MET C 63 3.76 -1.73 4.97
CA MET C 63 2.73 -2.80 5.03
C MET C 63 3.39 -4.14 5.43
N HIS C 64 4.46 -4.51 4.72
CA HIS C 64 5.15 -5.82 4.92
C HIS C 64 5.95 -5.81 6.23
N ALA C 65 6.44 -4.66 6.69
CA ALA C 65 7.12 -4.53 8.00
C ALA C 65 6.08 -4.78 9.09
N ARG C 66 4.94 -4.11 9.02
CA ARG C 66 3.92 -4.14 10.11
CA ARG C 66 3.91 -4.13 10.10
C ARG C 66 3.27 -5.52 10.21
N SER C 67 3.12 -6.26 9.09
CA SER C 67 2.47 -7.59 9.12
C SER C 67 3.44 -8.67 9.62
N GLY C 68 4.74 -8.36 9.75
CA GLY C 68 5.80 -9.33 10.07
C GLY C 68 6.34 -10.03 8.85
N LEU C 69 5.80 -9.78 7.64
CA LEU C 69 6.18 -10.54 6.44
C LEU C 69 7.66 -10.31 6.10
N THR C 70 8.13 -9.06 6.14
CA THR C 70 9.52 -8.74 5.70
C THR C 70 10.51 -9.56 6.52
N GLU C 71 10.35 -9.63 7.84
CA GLU C 71 11.29 -10.39 8.70
C GLU C 71 11.16 -11.89 8.37
N GLU C 72 9.94 -12.38 8.12
CA GLU C 72 9.72 -13.80 7.73
C GLU C 72 10.44 -14.04 6.41
N VAL C 73 10.44 -13.08 5.49
CA VAL C 73 11.11 -13.25 4.18
C VAL C 73 12.64 -13.36 4.40
N ARG C 74 13.22 -12.52 5.24
CA ARG C 74 14.69 -12.53 5.50
C ARG C 74 15.09 -13.89 6.08
N ARG C 75 14.24 -14.49 6.93
CA ARG C 75 14.56 -15.74 7.66
C ARG C 75 14.15 -16.96 6.83
N SER C 76 13.37 -16.79 5.76
CA SER C 76 12.90 -17.94 4.92
C SER C 76 14.09 -18.65 4.28
N THR C 77 14.03 -19.99 4.23
CA THR C 77 14.97 -20.81 3.42
C THR C 77 14.22 -21.46 2.25
N VAL C 78 13.01 -21.00 1.93
CA VAL C 78 12.18 -21.56 0.83
C VAL C 78 12.38 -20.71 -0.43
N ASP C 79 12.81 -21.34 -1.52
CA ASP C 79 12.97 -20.67 -2.83
C ASP C 79 11.71 -20.84 -3.69
N LEU C 80 11.71 -20.26 -4.88
CA LEU C 80 10.53 -20.25 -5.79
C LEU C 80 10.16 -21.69 -6.14
N ALA C 81 11.15 -22.50 -6.59
CA ALA C 81 10.88 -23.87 -7.09
C ALA C 81 10.29 -24.72 -5.97
N THR C 82 10.75 -24.56 -4.74
CA THR C 82 10.25 -25.32 -3.56
C THR C 82 8.82 -24.87 -3.23
N ALA C 83 8.57 -23.57 -3.23
CA ALA C 83 7.22 -23.02 -2.93
C ALA C 83 6.24 -23.56 -3.96
N GLU C 84 6.63 -23.53 -5.23
CA GLU C 84 5.78 -24.03 -6.35
C GLU C 84 5.42 -25.51 -6.12
N GLU C 85 6.42 -26.31 -5.74
CA GLU C 85 6.22 -27.77 -5.53
C GLU C 85 5.27 -27.96 -4.34
N MET C 86 5.45 -27.19 -3.26
CA MET C 86 4.58 -27.33 -2.07
C MET C 86 3.13 -26.96 -2.45
N VAL C 87 2.93 -25.89 -3.20
CA VAL C 87 1.56 -25.41 -3.57
C VAL C 87 0.90 -26.41 -4.52
N LEU C 88 1.63 -26.83 -5.55
CA LEU C 88 1.11 -27.74 -6.58
C LEU C 88 0.77 -29.11 -5.95
N ASP C 89 1.62 -29.62 -5.03
CA ASP C 89 1.33 -30.89 -4.32
C ASP C 89 0.07 -30.71 -3.46
N TYR C 90 -0.09 -29.57 -2.79
CA TYR C 90 -1.32 -29.31 -2.01
C TYR C 90 -2.53 -29.38 -2.96
N ILE C 91 -2.48 -28.71 -4.10
CA ILE C 91 -3.63 -28.62 -5.05
C ILE C 91 -3.96 -30.04 -5.56
N ARG C 92 -2.94 -30.82 -5.91
CA ARG C 92 -3.11 -32.17 -6.54
C ARG C 92 -3.74 -33.16 -5.56
N GLY C 93 -3.67 -32.91 -4.26
CA GLY C 93 -4.40 -33.68 -3.24
C GLY C 93 -5.91 -33.54 -3.38
N HIS C 94 -6.40 -32.45 -3.96
CA HIS C 94 -7.86 -32.14 -4.07
C HIS C 94 -8.33 -32.21 -5.53
N VAL C 95 -7.46 -31.86 -6.47
CA VAL C 95 -7.81 -31.67 -7.90
C VAL C 95 -7.05 -32.75 -8.67
N LYS C 96 -7.79 -33.69 -9.27
CA LYS C 96 -7.19 -34.88 -9.90
C LYS C 96 -6.79 -34.62 -11.36
N GLN C 97 -7.41 -33.67 -12.07
CA GLN C 97 -7.11 -33.43 -13.51
C GLN C 97 -6.48 -32.04 -13.71
N ALA C 98 -5.46 -31.98 -14.56
CA ALA C 98 -4.85 -30.74 -15.08
C ALA C 98 -5.86 -29.95 -15.91
N LYS C 99 -5.70 -28.62 -15.90
CA LYS C 99 -6.46 -27.67 -16.76
CA LYS C 99 -6.46 -27.66 -16.76
C LYS C 99 -7.96 -27.83 -16.54
N THR C 100 -8.38 -28.08 -15.29
CA THR C 100 -9.82 -28.26 -14.96
CA THR C 100 -9.82 -28.26 -14.95
C THR C 100 -10.23 -27.21 -13.93
N ALA C 101 -9.46 -27.09 -12.83
CA ALA C 101 -9.79 -26.17 -11.71
C ALA C 101 -9.35 -24.76 -12.05
N PRO C 102 -10.29 -23.78 -12.04
CA PRO C 102 -9.93 -22.37 -12.13
C PRO C 102 -9.34 -21.81 -10.83
N LEU C 103 -8.49 -20.81 -11.00
CA LEU C 103 -7.94 -19.94 -9.93
C LEU C 103 -8.98 -18.90 -9.56
N ALA C 104 -9.23 -18.73 -8.26
CA ALA C 104 -10.25 -17.82 -7.72
C ALA C 104 -9.61 -16.86 -6.71
N GLY C 105 -10.11 -15.62 -6.69
CA GLY C 105 -9.69 -14.59 -5.73
C GLY C 105 -10.17 -13.22 -6.15
N ASN C 106 -9.70 -12.20 -5.42
CA ASN C 106 -9.94 -10.76 -5.72
C ASN C 106 -8.77 -10.26 -6.58
N SER C 107 -9.07 -9.69 -7.75
CA SER C 107 -8.04 -9.15 -8.69
C SER C 107 -6.96 -10.20 -8.89
N ILE C 108 -7.38 -11.42 -9.17
CA ILE C 108 -6.58 -12.67 -9.24
C ILE C 108 -5.60 -12.62 -10.44
N ALA C 109 -5.84 -11.77 -11.46
CA ALA C 109 -4.95 -11.64 -12.64
C ALA C 109 -3.55 -11.21 -12.19
N THR C 110 -3.46 -10.34 -11.18
CA THR C 110 -2.18 -9.84 -10.65
C THR C 110 -1.36 -11.02 -10.15
N ASP C 111 -1.96 -11.86 -9.33
CA ASP C 111 -1.29 -13.05 -8.73
CA ASP C 111 -1.27 -13.04 -8.73
C ASP C 111 -0.92 -14.02 -9.86
N ARG C 112 -1.81 -14.22 -10.83
CA ARG C 112 -1.55 -15.16 -11.95
C ARG C 112 -0.35 -14.66 -12.78
N GLY C 113 -0.18 -13.35 -12.96
CA GLY C 113 0.98 -12.79 -13.68
C GLY C 113 2.30 -13.23 -13.05
N PHE C 114 2.41 -13.19 -11.73
CA PHE C 114 3.63 -13.62 -11.00
C PHE C 114 3.78 -15.13 -11.09
N ILE C 115 2.69 -15.87 -10.92
CA ILE C 115 2.69 -17.35 -11.02
C ILE C 115 3.15 -17.75 -12.44
N ALA C 116 2.64 -17.11 -13.50
CA ALA C 116 3.04 -17.43 -14.89
C ALA C 116 4.54 -17.18 -15.05
N ARG C 117 5.06 -16.11 -14.45
CA ARG C 117 6.48 -15.69 -14.60
C ARG C 117 7.36 -16.69 -13.85
N ASP C 118 6.99 -17.06 -12.62
CA ASP C 118 7.92 -17.72 -11.67
C ASP C 118 7.58 -19.19 -11.45
N MET C 119 6.33 -19.60 -11.72
CA MET C 119 5.86 -20.96 -11.34
C MET C 119 5.11 -21.56 -12.53
N PRO C 120 5.81 -21.82 -13.65
CA PRO C 120 5.16 -22.30 -14.88
C PRO C 120 4.39 -23.63 -14.74
N LYS C 121 4.82 -24.53 -13.86
CA LYS C 121 4.12 -25.83 -13.68
C LYS C 121 2.77 -25.59 -12.99
N LEU C 122 2.74 -24.72 -11.98
CA LEU C 122 1.47 -24.36 -11.30
C LEU C 122 0.58 -23.67 -12.32
N ASP C 123 1.13 -22.76 -13.09
CA ASP C 123 0.37 -21.98 -14.11
C ASP C 123 -0.30 -22.95 -15.10
N ASP C 124 0.44 -23.96 -15.52
CA ASP C 124 -0.02 -24.94 -16.56
CA ASP C 124 -0.02 -24.93 -16.57
C ASP C 124 -1.06 -25.90 -15.97
N TYR C 125 -0.99 -26.19 -14.67
CA TYR C 125 -1.91 -27.16 -14.02
C TYR C 125 -3.32 -26.56 -13.86
N LEU C 126 -3.40 -25.27 -13.55
CA LEU C 126 -4.70 -24.57 -13.39
C LEU C 126 -5.37 -24.38 -14.75
N HIS C 127 -6.70 -24.35 -14.80
CA HIS C 127 -7.45 -23.87 -15.99
C HIS C 127 -6.90 -22.48 -16.36
N TYR C 128 -6.95 -22.07 -17.63
CA TYR C 128 -6.60 -20.68 -18.02
C TYR C 128 -7.69 -19.73 -17.51
N ARG C 129 -8.92 -20.20 -17.34
CA ARG C 129 -10.02 -19.35 -16.83
C ARG C 129 -9.86 -19.10 -15.33
N MET C 130 -10.29 -17.93 -14.90
CA MET C 130 -10.18 -17.52 -13.47
C MET C 130 -11.50 -16.95 -13.02
N ILE C 131 -11.77 -17.09 -11.71
CA ILE C 131 -12.96 -16.54 -11.05
C ILE C 131 -12.52 -15.31 -10.25
N ASP C 132 -12.76 -14.14 -10.81
CA ASP C 132 -12.40 -12.86 -10.15
C ASP C 132 -13.63 -12.38 -9.36
N VAL C 133 -13.59 -12.53 -8.04
CA VAL C 133 -14.69 -12.06 -7.16
C VAL C 133 -14.85 -10.54 -7.32
N SER C 134 -13.79 -9.81 -7.64
CA SER C 134 -13.87 -8.34 -7.85
C SER C 134 -14.65 -8.02 -9.13
N SER C 135 -14.73 -8.94 -10.10
CA SER C 135 -15.63 -8.76 -11.28
C SER C 135 -17.08 -8.65 -10.81
N ILE C 136 -17.48 -9.53 -9.89
CA ILE C 136 -18.86 -9.54 -9.32
CA ILE C 136 -18.86 -9.53 -9.34
C ILE C 136 -19.03 -8.26 -8.49
N LYS C 137 -18.02 -7.90 -7.70
CA LYS C 137 -18.06 -6.68 -6.87
C LYS C 137 -18.37 -5.47 -7.78
N GLU C 138 -17.65 -5.35 -8.89
CA GLU C 138 -17.79 -4.17 -9.80
C GLU C 138 -19.13 -4.21 -10.52
N LEU C 139 -19.66 -5.40 -10.82
CA LEU C 139 -21.01 -5.49 -11.42
C LEU C 139 -22.06 -5.08 -10.37
N CYS C 140 -21.96 -5.52 -9.12
CA CYS C 140 -22.94 -5.16 -8.06
C CYS C 140 -22.85 -3.66 -7.76
N ARG C 141 -21.65 -3.10 -7.81
CA ARG C 141 -21.43 -1.65 -7.60
C ARG C 141 -22.31 -0.84 -8.56
N ARG C 142 -22.56 -1.36 -9.75
CA ARG C 142 -23.40 -0.71 -10.78
C ARG C 142 -24.85 -1.16 -10.65
N TRP C 143 -25.09 -2.46 -10.65
CA TRP C 143 -26.45 -3.02 -10.76
C TRP C 143 -27.19 -3.03 -9.42
N TYR C 144 -26.50 -3.24 -8.30
CA TYR C 144 -27.14 -3.39 -6.96
C TYR C 144 -26.31 -2.67 -5.90
N PRO C 145 -26.33 -1.31 -5.90
CA PRO C 145 -25.49 -0.54 -4.97
C PRO C 145 -25.64 -1.02 -3.52
N ARG C 146 -26.86 -1.37 -3.10
CA ARG C 146 -27.09 -1.84 -1.71
C ARG C 146 -26.33 -3.13 -1.46
N ILE C 147 -26.14 -4.00 -2.46
CA ILE C 147 -25.33 -5.22 -2.24
C ILE C 147 -23.87 -4.80 -2.08
N TYR C 148 -23.41 -3.92 -2.96
CA TYR C 148 -22.00 -3.45 -2.93
C TYR C 148 -21.71 -2.82 -1.55
N PHE C 149 -22.57 -1.93 -1.08
CA PHE C 149 -22.34 -1.20 0.21
C PHE C 149 -22.61 -2.11 1.40
N GLY C 150 -23.32 -3.23 1.25
CA GLY C 150 -23.64 -4.16 2.36
C GLY C 150 -22.62 -5.28 2.55
N GLN C 151 -21.51 -5.29 1.80
CA GLN C 151 -20.51 -6.39 1.86
C GLN C 151 -20.06 -6.59 3.31
N PRO C 152 -19.79 -7.82 3.76
CA PRO C 152 -19.19 -8.04 5.07
C PRO C 152 -17.86 -7.28 5.20
N GLU C 153 -17.54 -6.81 6.41
CA GLU C 153 -16.29 -6.07 6.68
C GLU C 153 -15.10 -7.02 6.54
N LYS C 154 -14.02 -6.53 5.93
CA LYS C 154 -12.79 -7.32 5.63
CA LYS C 154 -12.80 -7.32 5.63
C LYS C 154 -11.75 -7.03 6.73
N GLY C 155 -11.01 -8.06 7.14
CA GLY C 155 -9.91 -8.00 8.13
C GLY C 155 -8.69 -7.22 7.65
N LEU C 156 -8.40 -7.20 6.35
CA LEU C 156 -7.25 -6.44 5.75
C LEU C 156 -5.91 -6.87 6.37
N ALA C 157 -5.64 -8.18 6.42
CA ALA C 157 -4.45 -8.78 7.09
C ALA C 157 -3.18 -8.49 6.26
N HIS C 158 -3.33 -8.27 4.94
CA HIS C 158 -2.22 -8.10 3.96
C HIS C 158 -1.29 -9.32 4.01
N ARG C 159 -1.83 -10.48 4.39
CA ARG C 159 -1.13 -11.78 4.46
C ARG C 159 -1.96 -12.76 3.62
N ALA C 160 -1.27 -13.64 2.91
CA ALA C 160 -1.85 -14.43 1.80
C ALA C 160 -3.07 -15.25 2.29
N LEU C 161 -2.96 -16.05 3.37
CA LEU C 161 -4.05 -17.02 3.71
C LEU C 161 -5.30 -16.28 4.23
N ALA C 162 -5.15 -15.27 5.08
CA ALA C 162 -6.26 -14.44 5.59
C ALA C 162 -6.99 -13.73 4.44
N ASP C 163 -6.27 -13.20 3.46
CA ASP C 163 -6.86 -12.54 2.26
C ASP C 163 -7.74 -13.54 1.50
N ILE C 164 -7.27 -14.77 1.30
CA ILE C 164 -8.06 -15.85 0.63
C ILE C 164 -9.40 -16.03 1.35
N HIS C 165 -9.37 -16.20 2.68
CA HIS C 165 -10.60 -16.42 3.48
C HIS C 165 -11.60 -15.29 3.23
N GLU C 166 -11.11 -14.04 3.15
CA GLU C 166 -12.02 -12.88 2.95
CA GLU C 166 -12.01 -12.87 2.95
C GLU C 166 -12.60 -12.91 1.55
N SER C 167 -11.83 -13.37 0.55
CA SER C 167 -12.33 -13.49 -0.84
CA SER C 167 -12.33 -13.49 -0.84
C SER C 167 -13.47 -14.51 -0.89
N ILE C 168 -13.29 -15.66 -0.24
CA ILE C 168 -14.34 -16.71 -0.17
C ILE C 168 -15.60 -16.13 0.49
N ARG C 169 -15.45 -15.43 1.62
CA ARG C 169 -16.64 -14.89 2.33
C ARG C 169 -17.37 -13.88 1.42
N GLU C 170 -16.62 -13.06 0.68
CA GLU C 170 -17.22 -12.07 -0.25
C GLU C 170 -18.04 -12.80 -1.32
N LEU C 171 -17.52 -13.89 -1.88
CA LEU C 171 -18.25 -14.61 -2.97
C LEU C 171 -19.50 -15.28 -2.39
N LYS C 172 -19.40 -15.87 -1.20
CA LYS C 172 -20.57 -16.45 -0.51
C LYS C 172 -21.64 -15.38 -0.36
N TYR C 173 -21.24 -14.17 0.05
CA TYR C 173 -22.16 -13.02 0.22
C TYR C 173 -22.85 -12.69 -1.12
N TYR C 174 -22.10 -12.59 -2.23
CA TYR C 174 -22.70 -12.28 -3.54
C TYR C 174 -23.60 -13.43 -3.99
N ARG C 175 -23.19 -14.68 -3.76
CA ARG C 175 -24.01 -15.84 -4.14
C ARG C 175 -25.39 -15.72 -3.47
N ALA C 176 -25.44 -15.28 -2.22
CA ALA C 176 -26.69 -15.24 -1.41
C ALA C 176 -27.53 -14.02 -1.76
N THR C 177 -27.00 -13.02 -2.48
CA THR C 177 -27.66 -11.69 -2.68
C THR C 177 -27.89 -11.37 -4.16
N ALA C 178 -26.86 -11.45 -5.00
CA ALA C 178 -26.91 -11.01 -6.41
C ALA C 178 -27.38 -12.14 -7.33
N PHE C 179 -27.22 -13.39 -6.93
CA PHE C 179 -27.47 -14.57 -7.80
C PHE C 179 -28.82 -15.18 -7.46
N VAL C 180 -29.53 -15.68 -8.47
CA VAL C 180 -30.90 -16.26 -8.28
C VAL C 180 -30.78 -17.56 -7.48
N PRO C 181 -31.83 -17.94 -6.74
CA PRO C 181 -31.85 -19.24 -6.05
C PRO C 181 -31.74 -20.38 -7.05
N GLN C 182 -31.08 -21.47 -6.67
CA GLN C 182 -31.03 -22.70 -7.50
C GLN C 182 -32.45 -23.25 -7.59
N PRO C 183 -32.85 -23.92 -8.69
CA PRO C 183 -31.94 -24.29 -9.78
C PRO C 183 -31.82 -23.25 -10.91
N GLY C 184 -32.36 -22.05 -10.71
CA GLY C 184 -32.32 -20.99 -11.72
C GLY C 184 -33.55 -21.05 -12.61
N PRO C 185 -33.60 -20.26 -13.70
CA PRO C 185 -34.79 -20.22 -14.56
C PRO C 185 -34.95 -21.48 -15.43
N SER C 186 -36.12 -21.62 -16.05
CA SER C 186 -36.53 -22.79 -16.88
C SER C 186 -35.69 -22.82 -18.16
N THR C 187 -35.50 -24.02 -18.72
CA THR C 187 -34.86 -24.22 -20.04
C THR C 187 -35.52 -23.32 -21.09
N SER C 188 -36.85 -23.18 -21.07
CA SER C 188 -37.60 -22.42 -22.09
C SER C 188 -37.36 -20.92 -21.90
N ASP C 189 -37.38 -20.44 -20.65
CA ASP C 189 -37.05 -19.02 -20.34
C ASP C 189 -35.63 -18.72 -20.84
N ILE C 190 -34.68 -19.62 -20.57
CA ILE C 190 -33.26 -19.43 -20.98
C ILE C 190 -33.19 -19.31 -22.51
N ALA C 191 -33.83 -20.22 -23.22
CA ALA C 191 -33.86 -20.27 -24.70
C ALA C 191 -34.43 -18.95 -25.26
N ALA C 192 -35.53 -18.45 -24.68
CA ALA C 192 -36.20 -17.21 -25.14
C ALA C 192 -35.23 -16.03 -25.01
N ILE C 193 -34.55 -15.93 -23.87
CA ILE C 193 -33.58 -14.84 -23.58
C ILE C 193 -32.41 -14.94 -24.57
N ALA C 194 -31.86 -16.13 -24.78
CA ALA C 194 -30.70 -16.36 -25.67
C ALA C 194 -31.07 -15.94 -27.09
N ALA C 195 -32.31 -16.25 -27.50
CA ALA C 195 -32.84 -15.99 -28.86
C ALA C 195 -32.81 -14.49 -29.15
N GLU C 196 -33.29 -13.66 -28.22
CA GLU C 196 -33.27 -12.18 -28.33
C GLU C 196 -31.84 -11.64 -28.45
N LEU C 197 -30.83 -12.38 -27.99
CA LEU C 197 -29.40 -11.95 -28.01
C LEU C 197 -28.66 -12.78 -29.06
N VAL D 2 -22.21 9.62 -10.68
CA VAL D 2 -22.18 8.44 -11.62
C VAL D 2 -21.02 8.66 -12.61
N ARG D 3 -20.10 7.69 -12.68
CA ARG D 3 -19.12 7.53 -13.78
C ARG D 3 -18.71 6.05 -13.79
N ASP D 4 -19.72 5.22 -14.08
CA ASP D 4 -19.65 3.75 -13.93
C ASP D 4 -19.55 3.06 -15.30
N GLU D 5 -18.86 3.68 -16.27
CA GLU D 5 -18.47 3.11 -17.57
C GLU D 5 -17.67 1.79 -17.40
N LEU D 6 -17.81 0.89 -18.36
CA LEU D 6 -16.93 -0.28 -18.55
C LEU D 6 -16.15 -0.10 -19.85
N VAL D 7 -14.84 -0.34 -19.83
CA VAL D 7 -14.05 -0.39 -21.09
C VAL D 7 -13.88 -1.84 -21.51
N TRP D 8 -14.45 -2.20 -22.65
CA TRP D 8 -14.36 -3.56 -23.24
C TRP D 8 -13.24 -3.59 -24.27
N ILE D 9 -12.24 -4.46 -24.06
CA ILE D 9 -11.11 -4.63 -25.02
C ILE D 9 -10.96 -6.12 -25.34
N ASP D 10 -10.75 -6.42 -26.62
CA ASP D 10 -10.22 -7.73 -27.07
C ASP D 10 -9.02 -7.48 -27.96
N CYS D 11 -7.97 -8.27 -27.76
CA CYS D 11 -6.71 -8.21 -28.52
C CYS D 11 -6.54 -9.53 -29.29
N GLU D 12 -5.75 -9.46 -30.36
CA GLU D 12 -5.17 -10.63 -31.04
C GLU D 12 -3.67 -10.47 -30.98
N MET D 13 -2.98 -11.60 -30.90
CA MET D 13 -1.52 -11.68 -30.71
C MET D 13 -0.98 -12.77 -31.63
N THR D 14 0.33 -12.78 -31.85
CA THR D 14 1.05 -13.87 -32.56
C THR D 14 1.06 -15.13 -31.68
N GLY D 15 0.81 -14.96 -30.38
CA GLY D 15 0.79 -16.04 -29.37
C GLY D 15 0.66 -15.43 -27.99
N LEU D 16 0.74 -16.24 -26.93
CA LEU D 16 0.43 -15.76 -25.56
C LEU D 16 1.71 -15.59 -24.73
N ASP D 17 2.89 -15.64 -25.33
CA ASP D 17 4.18 -15.55 -24.60
C ASP D 17 4.61 -14.09 -24.49
N LEU D 18 4.55 -13.51 -23.29
CA LEU D 18 4.86 -12.07 -23.07
C LEU D 18 6.36 -11.80 -23.31
N LYS D 19 7.21 -12.83 -23.37
CA LYS D 19 8.66 -12.63 -23.66
C LYS D 19 8.91 -12.37 -25.15
N SER D 20 8.00 -12.72 -26.07
CA SER D 20 8.32 -12.69 -27.51
C SER D 20 7.12 -12.34 -28.40
N ASP D 21 5.89 -12.67 -28.03
CA ASP D 21 4.74 -12.50 -28.94
C ASP D 21 4.38 -11.02 -29.09
N ARG D 22 3.78 -10.68 -30.23
CA ARG D 22 3.36 -9.30 -30.58
CA ARG D 22 3.37 -9.28 -30.46
C ARG D 22 1.85 -9.16 -30.50
N LEU D 23 1.41 -8.00 -30.10
CA LEU D 23 0.02 -7.52 -30.14
C LEU D 23 -0.24 -7.04 -31.57
N ILE D 24 -1.21 -7.63 -32.28
CA ILE D 24 -1.43 -7.36 -33.72
C ILE D 24 -2.83 -6.82 -33.98
N GLU D 25 -3.76 -6.91 -33.02
CA GLU D 25 -5.10 -6.28 -33.17
C GLU D 25 -5.62 -5.86 -31.79
N ILE D 26 -6.26 -4.70 -31.71
CA ILE D 26 -6.96 -4.24 -30.49
C ILE D 26 -8.30 -3.64 -30.91
N ALA D 27 -9.37 -4.03 -30.24
CA ALA D 27 -10.70 -3.42 -30.40
C ALA D 27 -11.16 -2.91 -29.04
N VAL D 28 -11.86 -1.79 -29.00
CA VAL D 28 -12.36 -1.18 -27.75
C VAL D 28 -13.79 -0.70 -27.98
N LEU D 29 -14.67 -1.04 -27.05
CA LEU D 29 -16.05 -0.53 -26.93
C LEU D 29 -16.17 0.01 -25.50
N VAL D 30 -16.66 1.23 -25.29
CA VAL D 30 -17.07 1.66 -23.94
C VAL D 30 -18.56 1.43 -23.81
N THR D 31 -19.01 0.86 -22.69
CA THR D 31 -20.45 0.74 -22.36
C THR D 31 -20.72 1.57 -21.11
N ASP D 32 -21.98 1.92 -20.91
CA ASP D 32 -22.44 2.38 -19.58
C ASP D 32 -22.59 1.14 -18.69
N ALA D 33 -23.05 1.33 -17.45
CA ALA D 33 -23.27 0.27 -16.44
C ALA D 33 -24.30 -0.74 -16.94
N ASP D 34 -25.24 -0.32 -17.79
CA ASP D 34 -26.30 -1.22 -18.34
C ASP D 34 -25.84 -1.86 -19.65
N LEU D 35 -24.56 -1.75 -20.00
CA LEU D 35 -23.95 -2.45 -21.17
C LEU D 35 -24.47 -1.87 -22.51
N ASN D 36 -24.98 -0.64 -22.53
CA ASN D 36 -25.23 0.12 -23.77
C ASN D 36 -23.90 0.66 -24.28
N ILE D 37 -23.59 0.41 -25.55
CA ILE D 37 -22.35 0.91 -26.23
C ILE D 37 -22.44 2.43 -26.38
N LEU D 38 -21.40 3.15 -25.99
CA LEU D 38 -21.30 4.63 -26.01
C LEU D 38 -20.38 4.95 -27.18
N GLY D 39 -20.78 5.86 -28.07
CA GLY D 39 -19.93 6.18 -29.23
C GLY D 39 -19.83 4.97 -30.13
N ASP D 40 -18.96 5.00 -31.14
CA ASP D 40 -19.02 4.04 -32.27
C ASP D 40 -18.07 2.88 -31.99
N GLY D 41 -17.15 3.02 -31.03
CA GLY D 41 -16.11 2.01 -30.74
C GLY D 41 -14.96 2.08 -31.75
N LEU D 42 -13.94 1.24 -31.64
CA LEU D 42 -12.75 1.37 -32.49
C LEU D 42 -12.04 0.02 -32.58
N ASP D 43 -11.58 -0.38 -33.75
CA ASP D 43 -10.68 -1.55 -33.88
C ASP D 43 -9.54 -1.16 -34.80
N VAL D 44 -8.33 -1.60 -34.47
CA VAL D 44 -7.14 -1.27 -35.28
C VAL D 44 -6.26 -2.49 -35.33
N VAL D 45 -5.76 -2.77 -36.52
CA VAL D 45 -4.73 -3.80 -36.75
C VAL D 45 -3.38 -3.11 -36.63
N ILE D 46 -2.50 -3.71 -35.86
CA ILE D 46 -1.18 -3.15 -35.52
C ILE D 46 -0.13 -3.88 -36.33
N HIS D 47 0.75 -3.12 -36.98
CA HIS D 47 1.80 -3.65 -37.88
C HIS D 47 2.76 -4.48 -37.04
N ALA D 48 3.16 -5.62 -37.56
CA ALA D 48 4.28 -6.43 -37.05
C ALA D 48 5.07 -6.86 -38.28
N ASP D 49 6.38 -6.98 -38.14
CA ASP D 49 7.26 -7.32 -39.29
C ASP D 49 7.12 -8.83 -39.57
N ASP D 50 7.66 -9.27 -40.71
CA ASP D 50 7.53 -10.66 -41.21
C ASP D 50 8.24 -11.61 -40.25
N GLU D 51 9.33 -11.18 -39.60
CA GLU D 51 10.06 -12.03 -38.63
C GLU D 51 9.13 -12.38 -37.45
N SER D 52 8.43 -11.40 -36.90
CA SER D 52 7.45 -11.60 -35.79
C SER D 52 6.33 -12.54 -36.25
N LEU D 53 5.76 -12.30 -37.43
CA LEU D 53 4.62 -13.11 -37.94
C LEU D 53 5.08 -14.56 -38.16
N SER D 54 6.35 -14.75 -38.53
CA SER D 54 6.93 -16.08 -38.83
C SER D 54 7.07 -16.92 -37.54
N SER D 55 6.94 -16.31 -36.36
CA SER D 55 7.06 -17.00 -35.05
C SER D 55 5.74 -17.67 -34.65
N MET D 56 4.63 -17.39 -35.34
CA MET D 56 3.32 -17.97 -34.94
C MET D 56 3.36 -19.51 -35.04
N VAL D 57 2.91 -20.23 -34.00
CA VAL D 57 2.65 -21.70 -34.08
C VAL D 57 1.55 -21.93 -35.12
N ASP D 58 1.52 -23.13 -35.69
CA ASP D 58 0.72 -23.47 -36.89
C ASP D 58 -0.77 -23.25 -36.62
N VAL D 59 -1.29 -23.60 -35.44
CA VAL D 59 -2.75 -23.44 -35.17
CA VAL D 59 -2.75 -23.44 -35.19
C VAL D 59 -3.09 -21.94 -35.19
N VAL D 60 -2.23 -21.10 -34.62
CA VAL D 60 -2.47 -19.62 -34.60
C VAL D 60 -2.26 -19.04 -36.02
N LYS D 61 -1.19 -19.47 -36.68
CA LYS D 61 -0.91 -19.09 -38.10
C LYS D 61 -2.14 -19.37 -38.97
N GLN D 62 -2.72 -20.56 -38.84
CA GLN D 62 -3.89 -20.96 -39.66
C GLN D 62 -5.09 -20.08 -39.31
N MET D 63 -5.33 -19.84 -38.03
CA MET D 63 -6.46 -19.00 -37.54
C MET D 63 -6.34 -17.58 -38.13
N HIS D 64 -5.18 -16.96 -38.02
CA HIS D 64 -4.95 -15.56 -38.46
C HIS D 64 -4.89 -15.48 -40.00
N ALA D 65 -4.46 -16.54 -40.68
CA ALA D 65 -4.50 -16.62 -42.16
C ALA D 65 -5.98 -16.64 -42.60
N ARG D 66 -6.78 -17.51 -42.01
CA ARG D 66 -8.20 -17.73 -42.43
C ARG D 66 -9.05 -16.49 -42.14
N SER D 67 -8.78 -15.74 -41.07
CA SER D 67 -9.60 -14.55 -40.73
C SER D 67 -9.20 -13.34 -41.59
N GLY D 68 -8.08 -13.42 -42.31
CA GLY D 68 -7.49 -12.29 -43.04
C GLY D 68 -6.64 -11.38 -42.16
N LEU D 69 -6.46 -11.70 -40.88
CA LEU D 69 -5.74 -10.81 -39.95
C LEU D 69 -4.26 -10.70 -40.37
N THR D 70 -3.61 -11.81 -40.66
CA THR D 70 -2.16 -11.79 -40.97
C THR D 70 -1.89 -10.81 -42.14
N GLU D 71 -2.68 -10.87 -43.20
CA GLU D 71 -2.48 -10.00 -44.38
C GLU D 71 -2.77 -8.54 -43.96
N GLU D 72 -3.79 -8.31 -43.13
CA GLU D 72 -4.11 -6.94 -42.63
C GLU D 72 -2.94 -6.45 -41.80
N VAL D 73 -2.26 -7.32 -41.06
CA VAL D 73 -1.10 -6.91 -40.24
C VAL D 73 0.03 -6.44 -41.15
N ARG D 74 0.31 -7.19 -42.23
CA ARG D 74 1.39 -6.84 -43.18
C ARG D 74 1.10 -5.46 -43.80
N ARG D 75 -0.16 -5.15 -44.08
CA ARG D 75 -0.61 -3.92 -44.79
CA ARG D 75 -0.66 -3.93 -44.78
C ARG D 75 -0.79 -2.77 -43.80
N SER D 76 -0.85 -3.03 -42.49
CA SER D 76 -1.08 -1.96 -41.48
C SER D 76 0.08 -0.97 -41.49
N THR D 77 -0.21 0.33 -41.32
CA THR D 77 0.81 1.38 -41.08
C THR D 77 0.67 1.93 -39.65
N VAL D 78 -0.08 1.25 -38.79
CA VAL D 78 -0.32 1.70 -37.39
C VAL D 78 0.66 0.96 -36.46
N ASP D 79 1.48 1.69 -35.71
CA ASP D 79 2.43 1.07 -34.74
C ASP D 79 1.79 1.02 -33.33
N LEU D 80 2.50 0.48 -32.34
CA LEU D 80 1.94 0.31 -30.96
C LEU D 80 1.54 1.66 -30.37
N ALA D 81 2.44 2.66 -30.43
CA ALA D 81 2.23 3.98 -29.79
C ALA D 81 1.01 4.66 -30.41
N THR D 82 0.83 4.52 -31.73
CA THR D 82 -0.31 5.15 -32.44
C THR D 82 -1.60 4.43 -32.08
N ALA D 83 -1.60 3.10 -32.03
CA ALA D 83 -2.79 2.30 -31.64
C ALA D 83 -3.20 2.69 -30.23
N GLU D 84 -2.24 2.78 -29.31
CA GLU D 84 -2.51 3.17 -27.89
C GLU D 84 -3.18 4.55 -27.86
N GLU D 85 -2.67 5.50 -28.63
CA GLU D 85 -3.20 6.88 -28.66
C GLU D 85 -4.61 6.86 -29.23
N MET D 86 -4.86 6.08 -30.28
CA MET D 86 -6.21 5.99 -30.90
C MET D 86 -7.19 5.42 -29.87
N VAL D 87 -6.80 4.35 -29.17
CA VAL D 87 -7.69 3.66 -28.19
C VAL D 87 -7.97 4.59 -27.01
N LEU D 88 -6.91 5.20 -26.47
CA LEU D 88 -7.02 6.06 -25.25
CA LEU D 88 -6.95 6.11 -25.28
C LEU D 88 -7.84 7.31 -25.59
N ASP D 89 -7.66 7.91 -26.78
CA ASP D 89 -8.48 9.07 -27.21
C ASP D 89 -9.94 8.65 -27.33
N TYR D 90 -10.23 7.46 -27.88
CA TYR D 90 -11.64 6.99 -27.94
C TYR D 90 -12.16 6.88 -26.49
N ILE D 91 -11.42 6.22 -25.60
CA ILE D 91 -11.87 5.95 -24.20
C ILE D 91 -12.12 7.29 -23.48
N ARG D 92 -11.21 8.27 -23.65
CA ARG D 92 -11.23 9.55 -22.90
C ARG D 92 -12.43 10.40 -23.32
N GLY D 93 -13.01 10.17 -24.51
CA GLY D 93 -14.28 10.77 -24.93
C GLY D 93 -15.42 10.43 -23.99
N HIS D 94 -15.37 9.23 -23.36
CA HIS D 94 -16.49 8.64 -22.60
C HIS D 94 -16.15 8.54 -21.11
N VAL D 95 -14.87 8.35 -20.79
CA VAL D 95 -14.38 8.09 -19.40
C VAL D 95 -13.51 9.27 -19.01
N LYS D 96 -14.00 10.12 -18.10
CA LYS D 96 -13.40 11.46 -17.87
C LYS D 96 -12.29 11.41 -16.83
N GLN D 97 -12.29 10.42 -15.93
CA GLN D 97 -11.26 10.27 -14.86
CA GLN D 97 -11.24 10.29 -14.89
C GLN D 97 -10.45 8.99 -15.07
N ALA D 98 -9.14 9.08 -14.79
CA ALA D 98 -8.20 7.96 -14.69
C ALA D 98 -8.60 7.04 -13.52
N LYS D 99 -8.25 5.76 -13.67
CA LYS D 99 -8.36 4.73 -12.61
C LYS D 99 -9.81 4.59 -12.12
N THR D 100 -10.77 4.70 -13.05
CA THR D 100 -12.22 4.62 -12.70
CA THR D 100 -12.22 4.63 -12.71
C THR D 100 -12.86 3.46 -13.47
N ALA D 101 -12.62 3.37 -14.79
CA ALA D 101 -13.29 2.34 -15.62
C ALA D 101 -12.51 1.03 -15.59
N PRO D 102 -13.11 -0.08 -15.15
CA PRO D 102 -12.54 -1.41 -15.33
C PRO D 102 -12.57 -1.92 -16.76
N LEU D 103 -11.58 -2.76 -17.08
CA LEU D 103 -11.44 -3.50 -18.35
C LEU D 103 -12.34 -4.73 -18.28
N ALA D 104 -13.12 -4.97 -19.33
CA ALA D 104 -14.14 -6.02 -19.38
C ALA D 104 -13.94 -6.87 -20.63
N GLY D 105 -14.19 -8.18 -20.50
CA GLY D 105 -14.08 -9.14 -21.60
C GLY D 105 -14.05 -10.56 -21.08
N ASN D 106 -13.81 -11.51 -21.97
CA ASN D 106 -13.60 -12.94 -21.68
C ASN D 106 -12.10 -13.20 -21.49
N SER D 107 -11.71 -13.79 -20.35
CA SER D 107 -10.29 -14.11 -20.05
C SER D 107 -9.43 -12.88 -20.32
N ILE D 108 -9.87 -11.76 -19.76
CA ILE D 108 -9.38 -10.37 -20.02
C ILE D 108 -7.97 -10.17 -19.42
N ALA D 109 -7.53 -11.03 -18.49
CA ALA D 109 -6.17 -10.95 -17.89
C ALA D 109 -5.11 -11.14 -18.99
N THR D 110 -5.36 -12.00 -19.96
CA THR D 110 -4.44 -12.26 -21.08
C THR D 110 -4.21 -10.95 -21.83
N ASP D 111 -5.30 -10.29 -22.22
CA ASP D 111 -5.24 -9.01 -22.97
CA ASP D 111 -5.28 -9.00 -22.95
C ASP D 111 -4.56 -7.96 -22.09
N ARG D 112 -4.90 -7.88 -20.80
CA ARG D 112 -4.31 -6.88 -19.88
C ARG D 112 -2.78 -7.08 -19.79
N GLY D 113 -2.29 -8.32 -19.81
CA GLY D 113 -0.83 -8.57 -19.76
C GLY D 113 -0.11 -7.94 -20.94
N PHE D 114 -0.66 -8.03 -22.15
CA PHE D 114 -0.06 -7.41 -23.36
C PHE D 114 -0.19 -5.87 -23.28
N ILE D 115 -1.34 -5.39 -22.84
CA ILE D 115 -1.57 -3.93 -22.67
C ILE D 115 -0.57 -3.38 -21.64
N ALA D 116 -0.35 -4.07 -20.52
CA ALA D 116 0.59 -3.61 -19.48
C ALA D 116 1.99 -3.53 -20.10
N ARG D 117 2.35 -4.51 -20.93
CA ARG D 117 3.72 -4.60 -21.51
C ARG D 117 3.90 -3.49 -22.54
N ASP D 118 2.91 -3.28 -23.42
CA ASP D 118 3.11 -2.52 -24.67
C ASP D 118 2.40 -1.16 -24.65
N MET D 119 1.38 -0.99 -23.80
CA MET D 119 0.57 0.24 -23.79
C MET D 119 0.43 0.73 -22.35
N PRO D 120 1.55 1.15 -21.71
CA PRO D 120 1.54 1.55 -20.29
C PRO D 120 0.60 2.72 -19.95
N LYS D 121 0.35 3.64 -20.88
CA LYS D 121 -0.55 4.78 -20.60
C LYS D 121 -1.99 4.27 -20.53
N LEU D 122 -2.38 3.38 -21.45
CA LEU D 122 -3.72 2.77 -21.42
C LEU D 122 -3.83 1.96 -20.11
N ASP D 123 -2.81 1.19 -19.78
CA ASP D 123 -2.81 0.33 -18.57
C ASP D 123 -3.05 1.19 -17.32
N ASP D 124 -2.39 2.35 -17.26
CA ASP D 124 -2.43 3.27 -16.09
CA ASP D 124 -2.43 3.27 -16.09
C ASP D 124 -3.79 3.96 -16.01
N TYR D 125 -4.42 4.23 -17.15
CA TYR D 125 -5.70 4.99 -17.19
C TYR D 125 -6.88 4.14 -16.70
N LEU D 126 -6.84 2.84 -16.98
CA LEU D 126 -7.90 1.90 -16.58
C LEU D 126 -7.80 1.63 -15.08
N HIS D 127 -8.93 1.35 -14.42
CA HIS D 127 -8.96 0.77 -13.07
C HIS D 127 -8.11 -0.51 -13.11
N TYR D 128 -7.48 -0.88 -11.99
CA TYR D 128 -6.76 -2.17 -11.87
C TYR D 128 -7.76 -3.32 -11.89
N ARG D 129 -9.00 -3.08 -11.43
CA ARG D 129 -10.02 -4.15 -11.40
C ARG D 129 -10.50 -4.47 -12.81
N MET D 130 -10.93 -5.71 -13.02
CA MET D 130 -11.43 -6.16 -14.34
C MET D 130 -12.75 -6.91 -14.15
N ILE D 131 -13.56 -6.89 -15.19
CA ILE D 131 -14.81 -7.66 -15.28
C ILE D 131 -14.56 -8.81 -16.25
N ASP D 132 -14.29 -10.00 -15.71
CA ASP D 132 -14.06 -11.21 -16.53
C ASP D 132 -15.40 -11.93 -16.67
N VAL D 133 -16.00 -11.84 -17.85
CA VAL D 133 -17.28 -12.54 -18.18
C VAL D 133 -17.08 -14.05 -18.01
N SER D 134 -15.88 -14.57 -18.26
CA SER D 134 -15.58 -16.01 -18.11
C SER D 134 -15.60 -16.41 -16.63
N SER D 135 -15.42 -15.47 -15.70
CA SER D 135 -15.61 -15.77 -14.25
C SER D 135 -17.05 -16.17 -14.00
N ILE D 136 -17.99 -15.42 -14.57
CA ILE D 136 -19.45 -15.71 -14.44
CA ILE D 136 -19.44 -15.72 -14.39
C ILE D 136 -19.76 -17.02 -15.16
N LYS D 137 -19.18 -17.20 -16.34
CA LYS D 137 -19.37 -18.45 -17.12
C LYS D 137 -18.99 -19.67 -16.24
N GLU D 138 -17.83 -19.63 -15.60
CA GLU D 138 -17.30 -20.76 -14.80
C GLU D 138 -18.13 -20.96 -13.55
N LEU D 139 -18.66 -19.88 -12.95
CA LEU D 139 -19.59 -20.03 -11.80
C LEU D 139 -20.91 -20.67 -12.27
N CYS D 140 -21.47 -20.25 -13.39
CA CYS D 140 -22.75 -20.81 -13.91
C CYS D 140 -22.56 -22.28 -14.30
N ARG D 141 -21.39 -22.61 -14.84
CA ARG D 141 -21.02 -23.99 -15.21
C ARG D 141 -21.24 -24.92 -14.01
N ARG D 142 -21.00 -24.43 -12.80
CA ARG D 142 -21.13 -25.20 -11.54
C ARG D 142 -22.53 -25.00 -10.95
N TRP D 143 -22.96 -23.76 -10.78
CA TRP D 143 -24.19 -23.42 -10.02
C TRP D 143 -25.46 -23.59 -10.86
N TYR D 144 -25.41 -23.31 -12.17
CA TYR D 144 -26.60 -23.33 -13.05
C TYR D 144 -26.25 -23.93 -14.40
N PRO D 145 -26.04 -25.27 -14.47
CA PRO D 145 -25.68 -25.92 -15.73
C PRO D 145 -26.59 -25.51 -16.90
N ARG D 146 -27.89 -25.36 -16.68
CA ARG D 146 -28.83 -24.96 -17.75
C ARG D 146 -28.45 -23.58 -18.29
N ILE D 147 -27.96 -22.68 -17.43
CA ILE D 147 -27.53 -21.34 -17.93
C ILE D 147 -26.26 -21.51 -18.76
N TYR D 148 -25.32 -22.30 -18.25
CA TYR D 148 -24.03 -22.54 -18.93
C TYR D 148 -24.30 -23.12 -20.32
N PHE D 149 -25.12 -24.16 -20.41
CA PHE D 149 -25.40 -24.87 -21.69
C PHE D 149 -26.32 -24.04 -22.59
N GLY D 150 -27.05 -23.06 -22.06
CA GLY D 150 -28.01 -22.25 -22.85
C GLY D 150 -27.41 -20.97 -23.42
N GLN D 151 -26.10 -20.73 -23.26
CA GLN D 151 -25.47 -19.47 -23.71
C GLN D 151 -25.78 -19.24 -25.18
N PRO D 152 -25.96 -17.98 -25.63
CA PRO D 152 -26.04 -17.70 -27.06
C PRO D 152 -24.79 -18.19 -27.79
N GLU D 153 -24.94 -18.66 -29.02
CA GLU D 153 -23.81 -19.27 -29.78
C GLU D 153 -22.89 -18.13 -30.22
N LYS D 154 -21.58 -18.38 -30.13
CA LYS D 154 -20.52 -17.41 -30.49
C LYS D 154 -20.05 -17.70 -31.92
N GLY D 155 -19.73 -16.65 -32.68
CA GLY D 155 -19.37 -16.70 -34.11
C GLY D 155 -18.02 -17.34 -34.36
N LEU D 156 -17.06 -17.18 -33.44
CA LEU D 156 -15.63 -17.58 -33.63
C LEU D 156 -15.06 -16.90 -34.88
N ALA D 157 -15.22 -15.58 -34.99
CA ALA D 157 -14.57 -14.72 -36.01
C ALA D 157 -13.06 -14.67 -35.73
N HIS D 158 -12.63 -14.86 -34.46
CA HIS D 158 -11.23 -14.69 -33.96
C HIS D 158 -10.67 -13.32 -34.37
N ARG D 159 -11.56 -12.33 -34.40
CA ARG D 159 -11.23 -10.91 -34.72
C ARG D 159 -11.71 -10.05 -33.55
N ALA D 160 -10.93 -9.03 -33.19
CA ALA D 160 -11.06 -8.28 -31.93
C ALA D 160 -12.48 -7.71 -31.78
N LEU D 161 -13.04 -6.99 -32.76
CA LEU D 161 -14.31 -6.24 -32.54
C LEU D 161 -15.49 -7.19 -32.40
N ALA D 162 -15.59 -8.23 -33.24
CA ALA D 162 -16.66 -9.23 -33.18
C ALA D 162 -16.59 -9.95 -31.82
N ASP D 163 -15.39 -10.34 -31.35
CA ASP D 163 -15.21 -11.03 -30.04
C ASP D 163 -15.73 -10.14 -28.91
N ILE D 164 -15.44 -8.83 -28.93
CA ILE D 164 -15.91 -7.88 -27.88
CA ILE D 164 -15.89 -8.02 -27.77
C ILE D 164 -17.42 -7.89 -27.82
N HIS D 165 -18.08 -7.75 -29.00
CA HIS D 165 -19.57 -7.74 -29.06
C HIS D 165 -20.11 -9.01 -28.44
N GLU D 166 -19.48 -10.16 -28.69
CA GLU D 166 -19.98 -11.46 -28.15
C GLU D 166 -19.77 -11.50 -26.65
N SER D 167 -18.72 -10.90 -26.11
CA SER D 167 -18.49 -10.83 -24.63
C SER D 167 -19.63 -10.03 -24.00
N ILE D 168 -19.98 -8.88 -24.58
CA ILE D 168 -21.11 -8.04 -24.07
C ILE D 168 -22.40 -8.85 -24.14
N ARG D 169 -22.68 -9.55 -25.25
CA ARG D 169 -23.93 -10.35 -25.39
C ARG D 169 -23.95 -11.44 -24.30
N GLU D 170 -22.83 -12.08 -24.04
CA GLU D 170 -22.74 -13.15 -23.01
C GLU D 170 -23.08 -12.55 -21.64
N LEU D 171 -22.57 -11.36 -21.30
CA LEU D 171 -22.84 -10.76 -19.97
C LEU D 171 -24.32 -10.36 -19.88
N LYS D 172 -24.88 -9.79 -20.95
CA LYS D 172 -26.34 -9.48 -21.01
C LYS D 172 -27.13 -10.74 -20.73
N TYR D 173 -26.74 -11.87 -21.33
CA TYR D 173 -27.40 -13.17 -21.13
C TYR D 173 -27.33 -13.58 -19.65
N TYR D 174 -26.15 -13.51 -19.01
CA TYR D 174 -26.02 -13.87 -17.57
C TYR D 174 -26.83 -12.89 -16.73
N ARG D 175 -26.81 -11.60 -17.04
CA ARG D 175 -27.60 -10.61 -16.26
C ARG D 175 -29.09 -11.03 -16.25
N ALA D 176 -29.60 -11.53 -17.37
CA ALA D 176 -31.03 -11.85 -17.55
C ALA D 176 -31.39 -13.19 -16.91
N THR D 177 -30.42 -14.04 -16.55
CA THR D 177 -30.65 -15.45 -16.15
C THR D 177 -30.10 -15.74 -14.74
N ALA D 178 -28.83 -15.45 -14.48
CA ALA D 178 -28.12 -15.86 -13.24
C ALA D 178 -28.29 -14.81 -12.13
N PHE D 179 -28.53 -13.56 -12.49
CA PHE D 179 -28.60 -12.42 -11.56
C PHE D 179 -30.05 -12.10 -11.24
N VAL D 180 -30.35 -11.71 -10.01
CA VAL D 180 -31.73 -11.39 -9.54
C VAL D 180 -32.23 -10.14 -10.27
N PRO D 181 -33.56 -10.01 -10.44
CA PRO D 181 -34.15 -8.79 -10.99
C PRO D 181 -33.83 -7.59 -10.09
N GLN D 182 -33.63 -6.41 -10.68
CA GLN D 182 -33.46 -5.15 -9.92
C GLN D 182 -34.77 -4.87 -9.17
N PRO D 183 -34.76 -4.24 -7.98
CA PRO D 183 -33.55 -3.67 -7.38
C PRO D 183 -32.73 -4.61 -6.47
N GLY D 184 -33.03 -5.90 -6.51
CA GLY D 184 -32.34 -6.90 -5.70
C GLY D 184 -33.02 -7.08 -4.35
N PRO D 185 -32.36 -7.75 -3.37
CA PRO D 185 -32.97 -7.97 -2.07
C PRO D 185 -33.01 -6.70 -1.20
N SER D 186 -33.80 -6.74 -0.12
CA SER D 186 -34.03 -5.62 0.81
C SER D 186 -32.75 -5.32 1.58
N THR D 187 -32.59 -4.07 2.03
CA THR D 187 -31.44 -3.66 2.89
C THR D 187 -31.36 -4.59 4.11
N SER D 188 -32.49 -4.97 4.71
CA SER D 188 -32.51 -5.80 5.94
C SER D 188 -32.10 -7.25 5.60
N ASP D 189 -32.57 -7.81 4.49
CA ASP D 189 -32.13 -9.16 4.02
C ASP D 189 -30.61 -9.12 3.82
N ILE D 190 -30.10 -8.07 3.16
CA ILE D 190 -28.64 -7.95 2.87
C ILE D 190 -27.87 -7.95 4.20
N ALA D 191 -28.31 -7.12 5.15
CA ALA D 191 -27.65 -6.97 6.48
C ALA D 191 -27.62 -8.33 7.20
N ALA D 192 -28.73 -9.07 7.18
CA ALA D 192 -28.84 -10.39 7.87
C ALA D 192 -27.81 -11.36 7.28
N ILE D 193 -27.72 -11.41 5.95
CA ILE D 193 -26.77 -12.30 5.23
C ILE D 193 -25.33 -11.89 5.55
N ALA D 194 -25.02 -10.60 5.51
CA ALA D 194 -23.66 -10.06 5.78
C ALA D 194 -23.24 -10.45 7.20
N ALA D 195 -24.19 -10.36 8.15
CA ALA D 195 -23.97 -10.62 9.59
C ALA D 195 -23.49 -12.05 9.79
N GLU D 196 -24.14 -13.03 9.16
CA GLU D 196 -23.77 -14.47 9.21
C GLU D 196 -22.37 -14.70 8.65
N LEU D 197 -21.86 -13.82 7.79
CA LEU D 197 -20.53 -13.94 7.14
C LEU D 197 -19.58 -12.90 7.75
K K E . 19.08 22.94 14.59
C ACT F . 9.52 39.58 13.34
O ACT F . 9.47 39.54 14.53
OXT ACT F . 10.56 39.85 12.72
CH3 ACT F . 8.26 39.25 12.58
C ACT G . 15.19 19.69 27.81
O ACT G . 14.29 20.14 28.52
OXT ACT G . 15.72 18.58 28.01
CH3 ACT G . 15.67 20.52 26.62
S SO4 H . 14.40 19.58 21.11
O1 SO4 H . 14.08 20.72 21.93
O2 SO4 H . 15.70 19.05 21.46
O3 SO4 H . 13.39 18.57 21.26
O4 SO4 H . 14.40 20.03 19.75
C1 GOL I . 15.12 27.80 11.86
O1 GOL I . 15.30 29.14 11.41
C2 GOL I . 15.95 27.56 13.09
O2 GOL I . 15.11 27.15 14.18
C3 GOL I . 17.02 26.55 12.83
O3 GOL I . 18.04 27.05 11.97
S SO4 J . 9.09 23.04 27.67
S SO4 J . 8.08 23.19 27.65
O1 SO4 J . 8.67 23.29 29.01
O1 SO4 J . 6.73 23.61 27.86
O2 SO4 J . 8.75 24.14 26.83
O3 SO4 J . 10.52 22.86 27.65
O3 SO4 J . 8.78 23.04 28.90
O4 SO4 J . 8.44 21.85 27.18
O4 SO4 J . 8.06 21.91 26.98
K K K . -1.66 5.13 8.65
C ACT L . 0.89 2.59 -10.06
O ACT L . -0.30 2.88 -9.90
OXT ACT L . 1.48 1.76 -9.37
CH3 ACT L . 1.72 3.28 -11.10
C ACT M . -11.04 21.52 1.93
O ACT M . -11.15 22.68 2.41
OXT ACT M . -11.43 20.45 2.50
CH3 ACT M . -10.34 21.43 0.59
S SO4 N . 12.59 -3.21 6.94
O1 SO4 N . 11.32 -2.81 6.42
O2 SO4 N . 13.08 -2.24 7.93
O3 SO4 N . 12.49 -4.48 7.59
O4 SO4 N . 13.54 -3.26 5.83
S SO4 O . 18.73 -11.78 21.53
O1 SO4 O . 17.91 -10.72 22.07
O2 SO4 O . 19.79 -11.20 20.76
O3 SO4 O . 19.28 -12.54 22.61
O4 SO4 O . 17.98 -12.62 20.69
C1 GOL P . -1.86 6.04 4.45
O1 GOL P . -3.19 6.46 4.17
C2 GOL P . -0.94 6.14 3.25
O2 GOL P . -0.31 4.88 3.00
C3 GOL P . -1.64 6.59 2.01
O3 GOL P . -0.98 7.73 1.45
S SO4 Q . -12.39 3.06 -6.20
O1 SO4 Q . -13.40 3.14 -5.18
O2 SO4 Q . -12.23 4.32 -6.85
O3 SO4 Q . -11.12 2.71 -5.63
O4 SO4 Q . -12.78 2.03 -7.13
S SO4 R . 5.91 1.99 11.15
O1 SO4 R . 5.15 3.04 10.56
O2 SO4 R . 7.10 2.59 11.65
O3 SO4 R . 5.16 1.37 12.20
O4 SO4 R . 6.24 1.01 10.16
K K S . -2.40 -9.34 -1.46
C ACT T . 8.54 6.10 -2.11
C ACT T . 8.72 6.12 -2.18
O ACT T . 7.42 5.86 -2.61
O ACT T . 8.68 5.95 -3.41
OXT ACT T . 9.39 5.20 -1.78
OXT ACT T . 8.86 5.19 -1.32
CH3 ACT T . 8.77 7.57 -1.75
C ACT U . -14.86 -2.88 -1.89
O ACT U . -15.22 -1.71 -2.10
OXT ACT U . -15.64 -3.84 -1.79
CH3 ACT U . -13.38 -3.16 -1.71
C ACT V . -13.76 -10.53 9.96
O ACT V . -14.07 -9.32 9.86
OXT ACT V . -14.58 -11.48 9.90
CH3 ACT V . -12.29 -10.88 10.18
S SO4 W . -9.62 -5.76 -4.91
O1 SO4 W . -9.61 -4.36 -4.53
O2 SO4 W . -10.24 -6.53 -3.87
O3 SO4 W . -8.28 -6.21 -5.11
O4 SO4 W . -10.34 -5.86 -6.17
S SO4 X . 14.93 -18.20 -6.35
O1 SO4 X . 14.00 -18.23 -5.24
O2 SO4 X . 14.92 -16.90 -6.97
O3 SO4 X . 16.26 -18.50 -5.87
O4 SO4 X . 14.56 -19.18 -7.33
S SO4 Y . -30.04 1.08 -4.31
S SO4 Y . -31.28 0.69 -5.59
O1 SO4 Y . -31.49 1.00 -4.20
O2 SO4 Y . -29.48 1.76 -3.19
O2 SO4 Y . -30.02 1.22 -5.99
O3 SO4 Y . -29.52 -0.27 -4.36
O3 SO4 Y . -31.25 -0.74 -5.75
O4 SO4 Y . -29.67 1.79 -5.49
O4 SO4 Y . -32.32 1.27 -6.42
C1 GOL Z . 0.97 -7.35 -2.15
O1 GOL Z . 2.25 -7.59 -1.60
C2 GOL Z . 0.88 -6.06 -2.93
O2 GOL Z . 0.78 -4.95 -2.04
C3 GOL Z . 2.08 -5.88 -3.83
O3 GOL Z . 3.17 -5.41 -3.06
MG MG AA . 2.06 -7.71 4.56
S SO4 BA . -12.88 -27.16 -20.89
O1 SO4 BA . -12.95 -26.35 -19.68
O2 SO4 BA . -12.40 -26.37 -21.98
O3 SO4 BA . -14.19 -27.65 -21.20
O4 SO4 BA . -11.97 -28.24 -20.68
C1 PEG CA . 3.45 -7.37 -19.03
O1 PEG CA . 2.35 -7.96 -18.34
C2 PEG CA . 4.79 -7.62 -18.37
O2 PEG CA . 5.49 -8.69 -19.02
C3 PEG CA . 6.33 -9.47 -18.16
C4 PEG CA . 5.97 -10.93 -18.29
O4 PEG CA . 6.15 -11.68 -17.09
K K DA . -9.23 -13.00 -29.02
C ACT EA . 4.07 -25.67 -33.97
O ACT EA . 4.35 -24.89 -34.93
OXT ACT EA . 3.01 -26.28 -33.86
CH3 ACT EA . 5.10 -25.88 -32.85
C ACT FA . -17.92 -21.59 -23.44
O ACT FA . -19.03 -21.17 -23.03
OXT ACT FA . -17.40 -22.64 -23.06
CH3 ACT FA . -17.16 -20.77 -24.48
S SO4 GA . -12.84 -17.90 -22.85
O1 SO4 GA . -13.00 -17.97 -21.41
O2 SO4 GA . -11.63 -17.20 -23.18
O3 SO4 GA . -12.77 -19.25 -23.36
O4 SO4 GA . -13.96 -17.23 -23.41
S SO4 HA . 6.26 -0.92 -32.62
O1 SO4 HA . 7.00 -0.52 -33.78
O2 SO4 HA . 6.27 0.16 -31.67
O3 SO4 HA . 6.87 -2.09 -32.03
O4 SO4 HA . 4.89 -1.21 -33.00
S SO4 IA . -29.74 -28.28 -14.24
O1 SO4 IA . -29.08 -28.85 -13.09
O2 SO4 IA . -29.41 -26.88 -14.35
O3 SO4 IA . -31.16 -28.43 -14.08
O4 SO4 IA . -29.30 -28.95 -15.44
C1 GOL JA . -3.52 -16.34 -30.67
C1 GOL JA . -5.18 -14.45 -29.96
O1 GOL JA . -2.45 -15.44 -30.34
O1 GOL JA . -4.98 -13.84 -31.24
C2 GOL JA . -4.72 -16.07 -29.81
C2 GOL JA . -4.63 -15.86 -29.95
O2 GOL JA . -4.47 -16.56 -28.48
O2 GOL JA . -5.60 -16.76 -30.48
C3 GOL JA . -5.10 -14.61 -29.78
C3 GOL JA . -3.35 -15.98 -30.71
O3 GOL JA . -4.91 -13.99 -31.05
O3 GOL JA . -2.25 -15.45 -29.97
#